data_6LPP
#
_entry.id   6LPP
#
_cell.length_a   72.275
_cell.length_b   94.593
_cell.length_c   73.399
_cell.angle_alpha   90.000
_cell.angle_beta   111.900
_cell.angle_gamma   90.000
#
_symmetry.space_group_name_H-M   'P 1 21 1'
#
loop_
_entity.id
_entity.type
_entity.pdbx_description
1 polymer 'D-2-hydroxyglutarate dehydrogenase, mitochondrial'
2 non-polymer 'FLAVIN-ADENINE DINUCLEOTIDE'
3 non-polymer 'ZINC ION'
4 non-polymer '(2R)-2-hydroxypentanedioic acid'
5 non-polymer GLYCEROL
6 water water
#
_entity_poly.entity_id   1
_entity_poly.type   'polypeptide(L)'
_entity_poly.pdbx_seq_one_letter_code
;GPGSRYPVRRLPFSTVSKQDLAAFERIVPGGVVTDPEALQAPNVDWLRTLRGCSKVLLRPRTSEEVSHILRHCHERNLAV
NPQGGNTGMVGGSVPVFDEIILSTARMNRVLSFHSVSGILVCQAGCVLEELSRYVEERDFIMPLDLGAKGSCHIGGNVAT
NAGGLRFLRYGSLHGTVLGLEVVLADGTVLDCLTSLRKDNTGYDLKQLFIGSEGTLGIITTVSILCPPKPRAVNVAFLGC
PGFAEVLQTFSTCKGMLGEILSAFEFMDAVCMQLVGRHLHLASPVQESPFYVLIETSGSNAGHDAEKLGHFLEHALGSGL
VTDGTMATDQRKVKMLWALRERITEALSRDGYVYKYDLSLPVERLYDIVTDLRARLGPHAKHVVGYGHLGDGNLHLNVTA
EAFSPSLLAALEPHVYEWTAGQQGSVSAEHGVGFRKRDVLGYSKPPGALQLMQQLKALLDPKGILNPYKTLPSQAHHHHH
H
;
_entity_poly.pdbx_strand_id   A,B
#
loop_
_chem_comp.id
_chem_comp.type
_chem_comp.name
_chem_comp.formula
2HG non-polymer '(2R)-2-hydroxypentanedioic acid' 'C5 H8 O5'
FAD non-polymer 'FLAVIN-ADENINE DINUCLEOTIDE' 'C27 H33 N9 O15 P2'
GOL non-polymer GLYCEROL 'C3 H8 O3'
ZN non-polymer 'ZINC ION' 'Zn 2'
#
# COMPACT_ATOMS: atom_id res chain seq x y z
N VAL A 8 26.27 -16.87 11.88
CA VAL A 8 27.00 -17.92 12.58
C VAL A 8 28.47 -17.54 12.73
N ARG A 9 29.09 -17.08 11.66
CA ARG A 9 30.48 -16.64 11.68
C ARG A 9 30.59 -15.16 11.37
N ARG A 10 31.46 -14.48 12.10
CA ARG A 10 31.63 -13.04 11.96
C ARG A 10 32.27 -12.64 10.64
N LEU A 11 31.62 -11.73 9.91
CA LEU A 11 32.14 -11.25 8.65
C LEU A 11 33.32 -10.31 8.91
N PRO A 12 34.16 -10.02 7.86
CA PRO A 12 35.43 -9.33 8.09
C PRO A 12 35.33 -7.81 8.22
N PHE A 13 34.48 -7.35 9.13
CA PHE A 13 34.36 -5.92 9.39
C PHE A 13 35.51 -5.43 10.25
N SER A 14 35.81 -4.14 10.13
CA SER A 14 36.79 -3.51 11.01
C SER A 14 36.30 -3.50 12.46
N THR A 15 37.20 -3.13 13.36
CA THR A 15 36.90 -3.00 14.78
C THR A 15 37.01 -1.54 15.19
N VAL A 16 36.15 -1.13 16.14
CA VAL A 16 36.09 0.25 16.58
C VAL A 16 37.36 0.60 17.34
N SER A 17 38.07 1.63 16.86
CA SER A 17 39.28 2.11 17.52
C SER A 17 38.97 3.31 18.40
N LYS A 18 40.00 3.81 19.10
CA LYS A 18 39.86 5.05 19.85
C LYS A 18 39.59 6.25 18.94
N GLN A 19 40.12 6.21 17.71
CA GLN A 19 39.90 7.33 16.80
C GLN A 19 38.47 7.32 16.29
N ASP A 20 37.89 6.14 16.12
CA ASP A 20 36.49 6.05 15.75
C ASP A 20 35.61 6.63 16.85
N LEU A 21 35.89 6.27 18.10
CA LEU A 21 35.18 6.85 19.23
C LEU A 21 35.29 8.38 19.24
N ALA A 22 36.48 8.92 18.99
CA ALA A 22 36.61 10.38 18.97
C ALA A 22 35.86 11.00 17.81
N ALA A 23 35.82 10.32 16.66
CA ALA A 23 35.03 10.79 15.54
C ALA A 23 33.54 10.80 15.88
N PHE A 24 33.05 9.73 16.49
CA PHE A 24 31.64 9.68 16.85
C PHE A 24 31.30 10.73 17.89
N GLU A 25 32.22 11.00 18.83
CA GLU A 25 31.99 12.07 19.79
C GLU A 25 31.90 13.43 19.09
N ARG A 26 32.70 13.62 18.05
CA ARG A 26 32.56 14.83 17.23
C ARG A 26 31.20 14.86 16.51
N ILE A 27 30.77 13.73 15.96
CA ILE A 27 29.54 13.70 15.17
C ILE A 27 28.32 13.83 16.07
N VAL A 28 28.25 13.05 17.14
CA VAL A 28 27.11 13.08 18.05
C VAL A 28 27.58 13.38 19.47
N PRO A 29 27.90 14.64 19.79
CA PRO A 29 28.35 14.96 21.15
C PRO A 29 27.25 14.65 22.16
N GLY A 30 27.63 13.95 23.22
CA GLY A 30 26.68 13.48 24.21
C GLY A 30 25.99 12.18 23.86
N GLY A 31 26.18 11.66 22.65
CA GLY A 31 25.44 10.48 22.22
C GLY A 31 26.29 9.26 21.97
N VAL A 32 27.43 9.15 22.64
CA VAL A 32 28.34 8.02 22.49
C VAL A 32 28.35 7.28 23.82
N VAL A 33 27.66 6.13 23.86
CA VAL A 33 27.59 5.31 25.07
C VAL A 33 28.53 4.14 24.93
N THR A 34 29.50 4.02 25.85
CA THR A 34 30.41 2.90 25.85
C THR A 34 30.46 2.14 27.17
N ASP A 35 29.62 2.49 28.14
CA ASP A 35 29.64 1.82 29.44
C ASP A 35 29.16 0.38 29.26
N PRO A 36 29.98 -0.63 29.59
CA PRO A 36 29.55 -2.02 29.37
C PRO A 36 28.23 -2.38 30.05
N GLU A 37 28.02 -1.90 31.27
CA GLU A 37 26.76 -2.20 31.96
C GLU A 37 25.58 -1.49 31.31
N ALA A 38 25.80 -0.28 30.78
CA ALA A 38 24.74 0.41 30.05
C ALA A 38 24.43 -0.27 28.72
N LEU A 39 25.41 -0.97 28.15
CA LEU A 39 25.25 -1.67 26.88
C LEU A 39 24.58 -3.03 27.01
N GLN A 40 24.34 -3.51 28.24
CA GLN A 40 23.79 -4.85 28.43
C GLN A 40 22.37 -4.95 27.88
N ALA A 41 21.47 -4.07 28.34
CA ALA A 41 20.09 -4.08 27.86
C ALA A 41 19.96 -3.95 26.34
N PRO A 42 20.63 -3.01 25.66
CA PRO A 42 20.46 -2.93 24.20
C PRO A 42 21.05 -4.10 23.43
N ASN A 43 21.91 -4.92 24.04
CA ASN A 43 22.41 -6.10 23.34
C ASN A 43 21.48 -7.31 23.43
N VAL A 44 20.45 -7.27 24.28
CA VAL A 44 19.55 -8.41 24.44
C VAL A 44 18.21 -8.06 23.80
N ASP A 45 17.70 -8.98 22.97
CA ASP A 45 16.43 -8.75 22.28
C ASP A 45 15.26 -8.91 23.24
N TRP A 46 14.07 -8.54 22.77
CA TRP A 46 12.89 -8.56 23.63
C TRP A 46 12.62 -9.95 24.19
N LEU A 47 12.81 -10.99 23.36
CA LEU A 47 12.56 -12.36 23.83
C LEU A 47 13.64 -12.87 24.76
N ARG A 48 14.79 -12.19 24.84
CA ARG A 48 15.87 -12.56 25.75
C ARG A 48 16.52 -13.86 25.30
N THR A 49 16.46 -14.15 24.01
CA THR A 49 17.09 -15.34 23.46
C THR A 49 18.26 -15.04 22.54
N LEU A 50 18.54 -13.77 22.26
CA LEU A 50 19.74 -13.37 21.52
C LEU A 50 20.46 -12.27 22.28
N ARG A 51 21.79 -12.31 22.26
CA ARG A 51 22.56 -11.36 23.06
C ARG A 51 23.86 -11.05 22.32
N GLY A 52 24.03 -9.79 21.93
CA GLY A 52 25.23 -9.33 21.27
C GLY A 52 26.34 -8.90 22.22
N CYS A 53 27.45 -8.50 21.62
CA CYS A 53 28.66 -8.07 22.32
C CYS A 53 29.12 -6.73 21.76
N SER A 54 28.17 -5.87 21.42
CA SER A 54 28.48 -4.52 20.95
C SER A 54 29.09 -3.68 22.07
N LYS A 55 30.12 -2.91 21.72
CA LYS A 55 30.79 -2.06 22.68
C LYS A 55 30.54 -0.58 22.47
N VAL A 56 29.71 -0.20 21.48
CA VAL A 56 29.40 1.21 21.22
C VAL A 56 27.92 1.36 20.90
N LEU A 57 27.24 2.23 21.64
CA LEU A 57 25.88 2.64 21.33
C LEU A 57 25.89 4.11 20.95
N LEU A 58 25.33 4.44 19.79
CA LEU A 58 25.21 5.80 19.32
C LEU A 58 23.76 6.23 19.31
N ARG A 59 23.52 7.46 19.78
CA ARG A 59 22.17 8.00 19.98
C ARG A 59 22.08 9.34 19.26
N PRO A 60 21.96 9.33 17.93
CA PRO A 60 21.86 10.58 17.18
C PRO A 60 20.57 11.33 17.47
N ARG A 61 20.63 12.64 17.26
CA ARG A 61 19.47 13.52 17.45
C ARG A 61 18.82 13.92 16.13
N THR A 62 19.59 14.05 15.06
CA THR A 62 19.10 14.57 13.78
C THR A 62 19.50 13.62 12.65
N SER A 63 18.88 13.87 11.49
CA SER A 63 19.19 13.10 10.29
C SER A 63 20.62 13.31 9.82
N GLU A 64 21.12 14.55 9.90
CA GLU A 64 22.49 14.83 9.49
C GLU A 64 23.51 14.05 10.32
N GLU A 65 23.30 13.97 11.63
CA GLU A 65 24.17 13.15 12.48
C GLU A 65 24.19 11.70 12.03
N VAL A 66 23.02 11.15 11.64
CA VAL A 66 22.96 9.79 11.12
C VAL A 66 23.77 9.68 9.83
N SER A 67 23.57 10.64 8.92
CA SER A 67 24.31 10.63 7.66
C SER A 67 25.81 10.64 7.89
N HIS A 68 26.28 11.46 8.83
CA HIS A 68 27.73 11.54 9.08
C HIS A 68 28.24 10.28 9.77
N ILE A 69 27.43 9.68 10.64
CA ILE A 69 27.81 8.41 11.27
C ILE A 69 28.01 7.34 10.21
N LEU A 70 27.01 7.18 9.33
CA LEU A 70 27.12 6.15 8.30
C LEU A 70 28.24 6.46 7.32
N ARG A 71 28.45 7.73 6.98
CA ARG A 71 29.62 8.11 6.17
C ARG A 71 30.91 7.60 6.80
N HIS A 72 31.07 7.81 8.10
CA HIS A 72 32.27 7.34 8.79
C HIS A 72 32.36 5.82 8.78
N CYS A 73 31.24 5.16 9.07
CA CYS A 73 31.24 3.69 9.09
C CYS A 73 31.54 3.12 7.71
N HIS A 74 31.08 3.80 6.67
CA HIS A 74 31.37 3.40 5.30
C HIS A 74 32.86 3.52 5.02
N GLU A 75 33.44 4.69 5.33
CA GLU A 75 34.86 4.86 5.10
C GLU A 75 35.69 3.85 5.90
N ARG A 76 35.25 3.52 7.11
CA ARG A 76 35.99 2.62 8.01
C ARG A 76 35.56 1.15 7.91
N ASN A 77 34.53 0.83 7.12
CA ASN A 77 33.98 -0.53 7.05
C ASN A 77 33.61 -1.07 8.43
N LEU A 78 32.76 -0.33 9.13
CA LEU A 78 32.20 -0.78 10.41
C LEU A 78 30.74 -1.14 10.22
N ALA A 79 30.35 -2.30 10.76
CA ALA A 79 28.96 -2.75 10.71
C ALA A 79 28.06 -1.94 11.65
N VAL A 80 26.84 -1.67 11.20
CA VAL A 80 25.88 -0.87 11.95
C VAL A 80 24.59 -1.65 12.12
N ASN A 81 24.08 -1.69 13.35
CA ASN A 81 22.82 -2.33 13.74
C ASN A 81 21.82 -1.26 14.17
N PRO A 82 20.89 -0.86 13.30
CA PRO A 82 19.87 0.10 13.72
C PRO A 82 18.93 -0.51 14.73
N GLN A 83 18.53 0.27 15.73
CA GLN A 83 17.64 -0.22 16.77
C GLN A 83 16.60 0.83 17.13
N GLY A 84 15.34 0.38 17.24
CA GLY A 84 14.24 1.23 17.67
C GLY A 84 13.86 0.99 19.11
N GLY A 85 12.61 0.60 19.34
CA GLY A 85 12.13 0.18 20.65
C GLY A 85 12.61 -1.18 21.12
N ASN A 86 13.27 -1.94 20.24
CA ASN A 86 13.81 -3.26 20.59
C ASN A 86 12.72 -4.21 21.07
N THR A 87 11.55 -4.15 20.44
CA THR A 87 10.47 -5.09 20.69
C THR A 87 10.32 -6.13 19.57
N GLY A 88 11.16 -6.07 18.54
CA GLY A 88 11.10 -7.05 17.47
C GLY A 88 11.29 -8.47 17.96
N MET A 89 10.73 -9.41 17.20
CA MET A 89 10.59 -10.80 17.63
C MET A 89 11.51 -11.76 16.91
N VAL A 90 12.33 -11.31 15.97
CA VAL A 90 13.04 -12.20 15.07
C VAL A 90 14.55 -11.97 15.14
N GLY A 91 15.02 -11.37 16.22
CA GLY A 91 16.44 -11.14 16.43
C GLY A 91 17.07 -10.16 15.47
N GLY A 92 16.27 -9.29 14.84
CA GLY A 92 16.80 -8.31 13.93
C GLY A 92 17.39 -7.08 14.61
N SER A 93 16.98 -6.82 15.86
CA SER A 93 17.20 -5.53 16.50
C SER A 93 18.43 -5.50 17.40
N VAL A 94 19.12 -6.62 17.57
CA VAL A 94 20.31 -6.64 18.43
C VAL A 94 21.48 -7.18 17.62
N PRO A 95 22.70 -6.76 17.91
CA PRO A 95 23.86 -7.29 17.19
C PRO A 95 24.02 -8.79 17.41
N VAL A 96 24.68 -9.43 16.45
CA VAL A 96 25.12 -10.80 16.61
C VAL A 96 26.50 -10.84 17.25
N PHE A 97 27.37 -9.90 16.85
CA PHE A 97 28.71 -9.79 17.41
C PHE A 97 28.92 -8.39 17.97
N ASP A 98 29.79 -7.59 17.34
CA ASP A 98 30.12 -6.27 17.85
C ASP A 98 29.70 -5.14 16.89
N GLU A 99 28.59 -5.32 16.17
CA GLU A 99 28.04 -4.22 15.38
C GLU A 99 27.76 -3.00 16.26
N ILE A 100 28.04 -1.82 15.73
CA ILE A 100 27.68 -0.58 16.41
C ILE A 100 26.16 -0.46 16.45
N ILE A 101 25.60 -0.25 17.64
CA ILE A 101 24.17 -0.05 17.79
C ILE A 101 23.85 1.43 17.57
N LEU A 102 23.10 1.73 16.51
CA LEU A 102 22.60 3.08 16.26
C LEU A 102 21.14 3.15 16.70
N SER A 103 20.89 3.85 17.81
CA SER A 103 19.57 3.97 18.39
C SER A 103 18.89 5.26 17.93
N THR A 104 17.60 5.17 17.65
CA THR A 104 16.76 6.32 17.32
C THR A 104 16.11 6.94 18.56
N ALA A 105 16.52 6.53 19.76
CA ALA A 105 15.83 6.92 20.99
C ALA A 105 15.66 8.44 21.10
N ARG A 106 16.66 9.22 20.69
CA ARG A 106 16.55 10.67 20.84
C ARG A 106 15.97 11.36 19.62
N MET A 107 15.66 10.60 18.56
CA MET A 107 15.04 11.18 17.36
C MET A 107 13.52 11.06 17.50
N ASN A 108 12.99 11.82 18.46
CA ASN A 108 11.63 11.60 18.93
C ASN A 108 10.75 12.85 18.82
N ARG A 109 11.06 13.77 17.91
CA ARG A 109 10.27 14.97 17.75
C ARG A 109 9.26 14.81 16.61
N VAL A 110 8.06 15.35 16.82
CA VAL A 110 7.11 15.58 15.75
C VAL A 110 7.50 16.85 14.99
N LEU A 111 7.51 16.78 13.66
CA LEU A 111 7.90 17.92 12.84
C LEU A 111 6.71 18.74 12.34
N SER A 112 5.63 18.10 11.93
CA SER A 112 4.41 18.82 11.55
C SER A 112 3.21 17.89 11.62
N PHE A 113 2.03 18.51 11.72
CA PHE A 113 0.76 17.80 11.60
C PHE A 113 -0.26 18.74 10.99
N HIS A 114 -0.78 18.36 9.82
CA HIS A 114 -1.76 19.15 9.09
C HIS A 114 -3.17 18.81 9.57
N SER A 115 -3.81 19.77 10.23
CA SER A 115 -5.09 19.56 10.90
C SER A 115 -6.23 19.24 9.93
N VAL A 116 -6.03 19.38 8.63
CA VAL A 116 -7.06 19.06 7.64
C VAL A 116 -6.80 17.72 6.97
N SER A 117 -5.59 17.51 6.44
CA SER A 117 -5.30 16.25 5.79
C SER A 117 -5.06 15.11 6.77
N GLY A 118 -4.72 15.40 8.02
CA GLY A 118 -4.40 14.35 8.97
C GLY A 118 -3.03 13.75 8.76
N ILE A 119 -2.18 14.43 7.99
CA ILE A 119 -0.86 13.92 7.66
C ILE A 119 0.12 14.27 8.78
N LEU A 120 0.80 13.26 9.30
CA LEU A 120 1.76 13.41 10.38
C LEU A 120 3.17 13.20 9.83
N VAL A 121 4.06 14.14 10.11
CA VAL A 121 5.48 14.00 9.83
C VAL A 121 6.21 14.01 11.17
N CYS A 122 6.97 12.95 11.43
CA CYS A 122 7.65 12.80 12.71
C CYS A 122 8.95 12.05 12.51
N GLN A 123 9.84 12.18 13.48
CA GLN A 123 11.10 11.46 13.45
C GLN A 123 10.88 9.97 13.72
N ALA A 124 11.79 9.14 13.20
CA ALA A 124 11.62 7.70 13.23
C ALA A 124 11.57 7.13 14.63
N GLY A 125 12.22 7.78 15.60
CA GLY A 125 12.23 7.29 16.97
C GLY A 125 11.08 7.69 17.86
N CYS A 126 10.04 8.31 17.32
CA CYS A 126 8.84 8.56 18.10
C CYS A 126 8.17 7.26 18.48
N VAL A 127 7.86 7.10 19.77
CA VAL A 127 7.18 5.89 20.25
C VAL A 127 5.73 5.91 19.81
N LEU A 128 5.22 4.75 19.41
CA LEU A 128 3.89 4.65 18.81
C LEU A 128 2.80 5.16 19.75
N GLU A 129 2.80 4.68 21.00
CA GLU A 129 1.85 5.17 22.01
C GLU A 129 1.85 6.69 22.11
N GLU A 130 3.04 7.30 22.12
CA GLU A 130 3.12 8.75 22.27
C GLU A 130 2.53 9.45 21.04
N LEU A 131 2.74 8.88 19.86
CA LEU A 131 2.15 9.46 18.66
C LEU A 131 0.64 9.31 18.66
N SER A 132 0.14 8.16 19.14
CA SER A 132 -1.29 7.97 19.27
C SER A 132 -1.90 9.03 20.18
N ARG A 133 -1.29 9.25 21.34
CA ARG A 133 -1.71 10.32 22.23
C ARG A 133 -1.74 11.67 21.52
N TYR A 134 -0.64 12.00 20.83
CA TYR A 134 -0.53 13.29 20.13
C TYR A 134 -1.65 13.49 19.11
N VAL A 135 -1.85 12.52 18.22
CA VAL A 135 -2.87 12.70 17.19
C VAL A 135 -4.29 12.55 17.74
N GLU A 136 -4.50 11.75 18.79
CA GLU A 136 -5.83 11.66 19.39
C GLU A 136 -6.22 12.96 20.07
N GLU A 137 -5.26 13.65 20.69
CA GLU A 137 -5.52 15.01 21.16
C GLU A 137 -6.01 15.92 20.05
N ARG A 138 -5.70 15.61 18.79
CA ARG A 138 -6.14 16.40 17.64
C ARG A 138 -7.23 15.69 16.82
N ASP A 139 -7.95 14.76 17.43
CA ASP A 139 -9.07 14.05 16.77
C ASP A 139 -8.61 13.23 15.57
N PHE A 140 -7.45 12.59 15.68
CA PHE A 140 -6.99 11.63 14.68
C PHE A 140 -6.41 10.42 15.39
N ILE A 141 -6.23 9.33 14.65
CA ILE A 141 -5.63 8.12 15.19
C ILE A 141 -4.53 7.63 14.26
N MET A 142 -3.60 6.86 14.84
CA MET A 142 -2.62 6.16 14.03
C MET A 142 -3.29 5.07 13.20
N PRO A 143 -2.82 4.83 11.96
CA PRO A 143 -3.41 3.75 11.15
C PRO A 143 -3.01 2.35 11.60
N LEU A 144 -2.13 2.22 12.58
CA LEU A 144 -1.73 0.91 13.10
C LEU A 144 -1.70 0.98 14.63
N ASP A 145 -1.85 -0.19 15.26
CA ASP A 145 -1.63 -0.32 16.68
C ASP A 145 -1.14 -1.72 17.00
N LEU A 146 -0.34 -1.83 18.07
CA LEU A 146 0.31 -3.07 18.43
C LEU A 146 0.36 -3.17 19.95
N GLY A 147 0.45 -4.42 20.44
CA GLY A 147 0.71 -4.64 21.86
C GLY A 147 1.98 -3.97 22.36
N ALA A 148 2.96 -3.75 21.48
CA ALA A 148 4.22 -3.09 21.82
C ALA A 148 4.14 -1.57 21.76
N LYS A 149 2.93 -0.99 21.65
CA LYS A 149 2.76 0.44 21.45
C LYS A 149 3.60 1.27 22.42
N GLY A 150 3.69 0.84 23.68
CA GLY A 150 4.43 1.56 24.69
C GLY A 150 5.92 1.72 24.44
N SER A 151 6.53 0.88 23.61
CA SER A 151 7.97 0.95 23.42
C SER A 151 8.40 1.09 21.96
N CYS A 152 7.62 0.51 21.05
CA CYS A 152 8.02 0.46 19.65
C CYS A 152 8.07 1.84 19.01
N HIS A 153 9.05 2.02 18.11
CA HIS A 153 9.26 3.26 17.39
C HIS A 153 8.59 3.18 16.02
N ILE A 154 8.09 4.33 15.55
CA ILE A 154 7.45 4.36 14.23
C ILE A 154 8.44 3.95 13.15
N GLY A 155 9.72 4.29 13.32
CA GLY A 155 10.74 3.82 12.39
C GLY A 155 10.83 2.31 12.35
N GLY A 156 10.78 1.67 13.51
CA GLY A 156 10.79 0.22 13.54
C GLY A 156 9.54 -0.39 12.96
N ASN A 157 8.39 0.25 13.18
CA ASN A 157 7.14 -0.22 12.57
C ASN A 157 7.22 -0.19 11.05
N VAL A 158 7.77 0.89 10.49
CA VAL A 158 7.89 0.98 9.04
C VAL A 158 8.94 -0.01 8.54
N ALA A 159 10.09 -0.11 9.22
CA ALA A 159 11.13 -1.04 8.82
C ALA A 159 10.67 -2.49 8.82
N THR A 160 9.79 -2.86 9.75
CA THR A 160 9.29 -4.23 9.80
C THR A 160 7.95 -4.41 9.09
N ASN A 161 7.37 -3.35 8.55
CA ASN A 161 6.03 -3.38 7.96
C ASN A 161 5.04 -4.00 8.95
N ALA A 162 4.96 -3.38 10.13
CA ALA A 162 4.15 -3.93 11.20
C ALA A 162 2.67 -3.96 10.83
N GLY A 163 1.99 -5.02 11.25
CA GLY A 163 0.57 -5.19 11.02
C GLY A 163 -0.24 -4.67 12.18
N GLY A 164 -0.67 -5.57 13.06
CA GLY A 164 -1.30 -5.19 14.30
C GLY A 164 -2.81 -5.30 14.31
N LEU A 165 -3.41 -4.57 15.25
CA LEU A 165 -4.77 -4.84 15.70
C LEU A 165 -5.84 -4.08 14.92
N ARG A 166 -5.46 -3.11 14.10
CA ARG A 166 -6.41 -2.37 13.27
C ARG A 166 -6.05 -2.48 11.79
N PHE A 167 -5.23 -3.49 11.45
CA PHE A 167 -4.87 -3.74 10.06
C PHE A 167 -6.09 -4.09 9.21
N LEU A 168 -7.04 -4.83 9.80
CA LEU A 168 -8.28 -5.18 9.11
C LEU A 168 -9.00 -3.96 8.54
N ARG A 169 -8.95 -2.83 9.25
CA ARG A 169 -9.66 -1.63 8.82
C ARG A 169 -8.79 -0.71 7.95
N TYR A 170 -7.58 -0.42 8.40
CA TYR A 170 -6.76 0.60 7.74
C TYR A 170 -5.69 0.02 6.83
N GLY A 171 -5.38 -1.27 6.95
CA GLY A 171 -4.48 -1.90 6.00
C GLY A 171 -3.01 -1.59 6.23
N SER A 172 -2.23 -1.83 5.18
CA SER A 172 -0.79 -1.92 5.28
C SER A 172 -0.14 -0.55 5.37
N LEU A 173 1.02 -0.50 6.02
CA LEU A 173 1.87 0.68 5.95
C LEU A 173 2.29 0.98 4.52
N HIS A 174 2.36 -0.05 3.66
CA HIS A 174 2.58 0.18 2.24
C HIS A 174 1.54 1.12 1.64
N GLY A 175 0.33 1.13 2.22
CA GLY A 175 -0.68 2.08 1.81
C GLY A 175 -0.74 3.37 2.63
N THR A 176 -0.49 3.27 3.93
CA THR A 176 -0.70 4.42 4.81
C THR A 176 0.54 5.31 4.95
N VAL A 177 1.73 4.80 4.68
CA VAL A 177 2.93 5.62 4.70
C VAL A 177 2.98 6.45 3.43
N LEU A 178 3.05 7.77 3.59
CA LEU A 178 3.12 8.67 2.45
C LEU A 178 4.54 9.06 2.06
N GLY A 179 5.46 9.10 3.01
CA GLY A 179 6.81 9.51 2.67
C GLY A 179 7.84 9.07 3.69
N LEU A 180 9.08 8.95 3.24
CA LEU A 180 10.18 8.58 4.12
C LEU A 180 11.45 9.36 3.80
N GLU A 181 12.14 9.78 4.85
CA GLU A 181 13.54 10.18 4.76
C GLU A 181 14.37 9.00 5.27
N VAL A 182 15.33 8.56 4.44
CA VAL A 182 16.18 7.41 4.73
C VAL A 182 17.64 7.79 4.54
N VAL A 183 18.51 7.31 5.43
CA VAL A 183 19.94 7.50 5.28
C VAL A 183 20.55 6.19 4.80
N LEU A 184 21.20 6.24 3.63
CA LEU A 184 21.77 5.04 3.03
C LEU A 184 23.13 4.69 3.65
N ALA A 185 23.60 3.49 3.32
CA ALA A 185 24.81 2.95 3.96
C ALA A 185 26.02 3.85 3.81
N ASP A 186 26.14 4.55 2.68
CA ASP A 186 27.29 5.43 2.47
C ASP A 186 27.09 6.82 3.04
N GLY A 187 25.97 7.07 3.72
CA GLY A 187 25.64 8.37 4.25
C GLY A 187 24.70 9.19 3.39
N THR A 188 24.46 8.79 2.14
CA THR A 188 23.56 9.54 1.27
C THR A 188 22.17 9.63 1.88
N VAL A 189 21.64 10.85 1.93
CA VAL A 189 20.28 11.08 2.42
C VAL A 189 19.32 10.98 1.24
N LEU A 190 18.41 10.01 1.29
CA LEU A 190 17.38 9.83 0.28
C LEU A 190 16.10 10.48 0.80
N ASP A 191 15.65 11.53 0.10
CA ASP A 191 14.46 12.28 0.42
C ASP A 191 13.30 11.78 -0.42
N CYS A 192 12.44 10.95 0.17
CA CYS A 192 11.15 10.57 -0.39
C CYS A 192 10.05 11.02 0.56
N LEU A 193 10.30 12.15 1.23
CA LEU A 193 9.47 12.63 2.33
C LEU A 193 8.37 13.56 1.82
N THR A 194 7.58 13.02 0.90
CA THR A 194 6.43 13.75 0.39
C THR A 194 5.28 13.67 1.39
N SER A 195 4.38 14.65 1.32
CA SER A 195 3.20 14.67 2.17
C SER A 195 1.93 14.72 1.32
N LEU A 196 1.99 14.12 0.13
CA LEU A 196 0.88 14.10 -0.81
C LEU A 196 0.16 12.77 -0.73
N ARG A 197 -1.17 12.81 -0.80
CA ARG A 197 -1.95 11.57 -0.88
C ARG A 197 -1.62 10.78 -2.14
N LYS A 198 -1.39 11.49 -3.25
CA LYS A 198 -1.17 10.86 -4.54
C LYS A 198 0.00 11.52 -5.27
N ASP A 199 0.97 10.71 -5.69
CA ASP A 199 2.17 11.23 -6.34
C ASP A 199 2.81 10.12 -7.18
N ASN A 200 2.41 10.04 -8.45
CA ASN A 200 2.94 9.05 -9.40
C ASN A 200 4.02 9.66 -10.29
N THR A 201 5.01 10.31 -9.69
CA THR A 201 6.13 10.86 -10.46
C THR A 201 7.36 9.96 -10.32
N GLY A 202 7.25 8.78 -10.90
CA GLY A 202 8.35 7.83 -10.92
C GLY A 202 8.13 6.66 -9.99
N TYR A 203 9.24 5.98 -9.69
CA TYR A 203 9.16 4.77 -8.89
C TYR A 203 8.89 5.12 -7.43
N ASP A 204 8.10 4.27 -6.76
CA ASP A 204 7.74 4.46 -5.36
C ASP A 204 8.87 3.90 -4.50
N LEU A 205 9.99 4.63 -4.50
CA LEU A 205 11.22 4.16 -3.86
C LEU A 205 11.02 3.85 -2.38
N LYS A 206 10.17 4.61 -1.70
CA LYS A 206 9.98 4.40 -0.26
C LYS A 206 9.54 2.98 0.03
N GLN A 207 8.79 2.37 -0.90
CA GLN A 207 8.29 1.01 -0.71
C GLN A 207 9.42 0.03 -0.44
N LEU A 208 10.60 0.24 -1.05
CA LEU A 208 11.75 -0.63 -0.78
C LEU A 208 12.13 -0.65 0.69
N PHE A 209 11.92 0.45 1.41
CA PHE A 209 12.36 0.53 2.79
C PHE A 209 11.30 0.11 3.78
N ILE A 210 10.07 -0.11 3.33
CA ILE A 210 9.00 -0.58 4.20
C ILE A 210 9.07 -2.10 4.20
N GLY A 211 9.42 -2.67 5.34
CA GLY A 211 9.68 -4.10 5.44
C GLY A 211 11.11 -4.53 5.16
N SER A 212 12.04 -3.58 4.97
CA SER A 212 13.43 -3.91 4.69
C SER A 212 14.27 -4.11 5.94
N GLU A 213 13.70 -3.89 7.13
CA GLU A 213 14.31 -4.30 8.40
C GLU A 213 15.72 -3.76 8.57
N GLY A 214 15.95 -2.53 8.12
CA GLY A 214 17.24 -1.88 8.28
C GLY A 214 18.38 -2.42 7.46
N THR A 215 18.13 -3.26 6.46
CA THR A 215 19.20 -3.80 5.64
C THR A 215 19.49 -2.98 4.39
N LEU A 216 18.60 -2.04 4.05
CA LEU A 216 18.77 -1.22 2.87
C LEU A 216 18.98 0.26 3.19
N GLY A 217 18.78 0.66 4.44
CA GLY A 217 18.93 2.04 4.84
C GLY A 217 18.33 2.27 6.21
N ILE A 218 18.66 3.38 6.85
CA ILE A 218 18.10 3.73 8.15
C ILE A 218 17.04 4.80 7.94
N ILE A 219 15.81 4.47 8.29
CA ILE A 219 14.70 5.41 8.22
C ILE A 219 14.87 6.47 9.30
N THR A 220 14.89 7.74 8.90
CA THR A 220 15.04 8.83 9.84
C THR A 220 13.80 9.70 9.98
N THR A 221 12.97 9.80 8.94
CA THR A 221 11.76 10.61 9.07
C THR A 221 10.60 9.90 8.38
N VAL A 222 9.42 9.92 9.00
CA VAL A 222 8.25 9.27 8.45
C VAL A 222 7.13 10.28 8.28
N SER A 223 6.48 10.25 7.12
CA SER A 223 5.23 10.95 6.85
C SER A 223 4.15 9.89 6.63
N ILE A 224 3.06 9.98 7.38
CA ILE A 224 2.05 8.93 7.45
C ILE A 224 0.67 9.55 7.56
N LEU A 225 -0.31 8.91 6.92
CA LEU A 225 -1.69 9.37 6.90
C LEU A 225 -2.44 8.82 8.11
N CYS A 226 -2.88 9.72 8.99
CA CYS A 226 -3.63 9.32 10.17
C CYS A 226 -5.13 9.34 9.89
N PRO A 227 -5.84 8.24 10.11
CA PRO A 227 -7.29 8.27 9.97
C PRO A 227 -7.92 9.18 11.02
N PRO A 228 -9.10 9.73 10.73
CA PRO A 228 -9.84 10.48 11.76
C PRO A 228 -10.17 9.63 12.97
N LYS A 229 -10.25 10.27 14.12
CA LYS A 229 -10.57 9.57 15.35
C LYS A 229 -12.04 9.20 15.35
N PRO A 230 -12.40 7.95 15.60
CA PRO A 230 -13.82 7.58 15.57
C PRO A 230 -14.59 8.21 16.72
N ARG A 231 -15.83 8.62 16.41
CA ARG A 231 -16.72 9.13 17.44
C ARG A 231 -17.13 8.01 18.39
N ALA A 232 -17.31 6.80 17.88
CA ALA A 232 -17.73 5.67 18.69
C ALA A 232 -16.84 4.47 18.42
N VAL A 233 -16.27 3.93 19.50
CA VAL A 233 -15.51 2.69 19.46
C VAL A 233 -16.24 1.71 20.37
N ASN A 234 -16.58 0.54 19.83
CA ASN A 234 -17.18 -0.52 20.63
C ASN A 234 -16.33 -1.78 20.56
N VAL A 235 -16.33 -2.52 21.66
CA VAL A 235 -15.66 -3.82 21.75
C VAL A 235 -16.65 -4.84 22.31
N ALA A 236 -16.81 -5.96 21.59
CA ALA A 236 -17.54 -7.12 22.07
C ALA A 236 -16.54 -8.26 22.29
N PHE A 237 -16.54 -8.81 23.51
CA PHE A 237 -15.76 -10.00 23.81
C PHE A 237 -16.71 -11.18 23.97
N LEU A 238 -16.59 -12.15 23.08
CA LEU A 238 -17.58 -13.22 22.92
C LEU A 238 -16.92 -14.57 23.14
N GLY A 239 -17.69 -15.50 23.72
CA GLY A 239 -17.24 -16.88 23.86
C GLY A 239 -17.91 -17.80 22.85
N CYS A 240 -17.09 -18.54 22.11
CA CYS A 240 -17.54 -19.46 21.08
C CYS A 240 -17.21 -20.91 21.43
N PRO A 241 -18.12 -21.83 21.12
CA PRO A 241 -17.97 -23.24 21.52
C PRO A 241 -17.09 -24.06 20.58
N GLY A 242 -16.63 -23.49 19.49
CA GLY A 242 -15.67 -24.18 18.62
C GLY A 242 -15.18 -23.25 17.54
N PHE A 243 -14.19 -23.73 16.79
CA PHE A 243 -13.62 -22.91 15.73
C PHE A 243 -14.54 -22.75 14.52
N ALA A 244 -15.38 -23.75 14.22
CA ALA A 244 -16.39 -23.59 13.18
C ALA A 244 -17.29 -22.40 13.48
N GLU A 245 -17.66 -22.25 14.75
CA GLU A 245 -18.51 -21.15 15.14
C GLU A 245 -17.75 -19.83 15.12
N VAL A 246 -16.46 -19.85 15.47
CA VAL A 246 -15.62 -18.67 15.30
C VAL A 246 -15.64 -18.19 13.85
N LEU A 247 -15.45 -19.11 12.91
CA LEU A 247 -15.44 -18.75 11.49
C LEU A 247 -16.80 -18.25 11.02
N GLN A 248 -17.88 -18.85 11.52
CA GLN A 248 -19.20 -18.37 11.11
C GLN A 248 -19.54 -17.03 11.78
N THR A 249 -19.08 -16.82 13.01
CA THR A 249 -19.17 -15.52 13.64
C THR A 249 -18.43 -14.46 12.83
N PHE A 250 -17.25 -14.79 12.30
CA PHE A 250 -16.53 -13.86 11.43
C PHE A 250 -17.35 -13.52 10.19
N SER A 251 -17.90 -14.54 9.52
CA SER A 251 -18.69 -14.30 8.32
C SER A 251 -19.91 -13.42 8.64
N THR A 252 -20.60 -13.72 9.74
CA THR A 252 -21.78 -12.96 10.11
C THR A 252 -21.40 -11.54 10.50
N CYS A 253 -20.33 -11.39 11.27
CA CYS A 253 -19.79 -10.08 11.61
C CYS A 253 -19.58 -9.22 10.37
N LYS A 254 -18.97 -9.79 9.32
CA LYS A 254 -18.79 -9.01 8.11
C LYS A 254 -20.10 -8.70 7.42
N GLY A 255 -21.04 -9.64 7.42
CA GLY A 255 -22.35 -9.36 6.83
C GLY A 255 -23.19 -8.33 7.54
N MET A 256 -23.09 -8.27 8.88
CA MET A 256 -23.99 -7.46 9.68
C MET A 256 -23.36 -6.17 10.21
N LEU A 257 -22.04 -6.12 10.38
CA LEU A 257 -21.36 -4.91 10.81
C LEU A 257 -20.70 -4.17 9.66
N GLY A 258 -20.06 -4.90 8.74
CA GLY A 258 -19.59 -4.30 7.51
C GLY A 258 -18.50 -3.26 7.72
N GLU A 259 -18.73 -2.06 7.17
CA GLU A 259 -17.71 -1.02 7.13
C GLU A 259 -17.32 -0.48 8.50
N ILE A 260 -18.14 -0.68 9.53
CA ILE A 260 -17.73 -0.20 10.86
C ILE A 260 -16.76 -1.14 11.55
N LEU A 261 -16.56 -2.35 11.03
CA LEU A 261 -15.65 -3.29 11.67
C LEU A 261 -14.23 -2.75 11.63
N SER A 262 -13.57 -2.72 12.80
CA SER A 262 -12.19 -2.26 12.88
C SER A 262 -11.24 -3.30 13.46
N ALA A 263 -11.75 -4.37 14.07
CA ALA A 263 -10.86 -5.43 14.53
C ALA A 263 -11.64 -6.71 14.69
N PHE A 264 -10.97 -7.84 14.39
CA PHE A 264 -11.51 -9.17 14.66
C PHE A 264 -10.35 -10.08 15.07
N GLU A 265 -10.24 -10.35 16.37
CA GLU A 265 -9.16 -11.14 16.94
C GLU A 265 -9.77 -12.37 17.60
N PHE A 266 -8.97 -13.45 17.68
CA PHE A 266 -9.42 -14.64 18.36
C PHE A 266 -8.32 -15.19 19.28
N MET A 267 -8.74 -16.01 20.23
CA MET A 267 -7.82 -16.71 21.14
C MET A 267 -8.49 -17.98 21.65
N ASP A 268 -7.68 -18.97 22.01
CA ASP A 268 -8.25 -20.20 22.52
C ASP A 268 -8.33 -20.18 24.05
N ALA A 269 -8.90 -21.25 24.63
CA ALA A 269 -9.05 -21.36 26.08
C ALA A 269 -7.73 -21.26 26.82
N VAL A 270 -6.70 -21.94 26.31
CA VAL A 270 -5.42 -21.98 27.02
C VAL A 270 -4.82 -20.58 27.12
N CYS A 271 -5.01 -19.76 26.08
CA CYS A 271 -4.56 -18.37 26.14
C CYS A 271 -5.21 -17.64 27.31
N MET A 272 -6.53 -17.78 27.46
CA MET A 272 -7.25 -17.15 28.55
C MET A 272 -6.72 -17.64 29.91
N GLN A 273 -6.53 -18.96 30.04
CA GLN A 273 -5.98 -19.50 31.28
C GLN A 273 -4.60 -18.94 31.60
N LEU A 274 -3.75 -18.80 30.59
CA LEU A 274 -2.40 -18.30 30.81
C LEU A 274 -2.38 -16.82 31.17
N VAL A 275 -3.23 -16.02 30.54
CA VAL A 275 -3.28 -14.60 30.89
C VAL A 275 -3.86 -14.42 32.30
N GLY A 276 -4.82 -15.27 32.68
CA GLY A 276 -5.33 -15.20 34.03
C GLY A 276 -4.31 -15.61 35.07
N ARG A 277 -3.56 -16.69 34.79
CA ARG A 277 -2.57 -17.19 35.74
C ARG A 277 -1.41 -16.22 35.92
N HIS A 278 -0.77 -15.81 34.81
CA HIS A 278 0.45 -15.04 34.89
C HIS A 278 0.24 -13.53 35.00
N LEU A 279 -0.84 -12.99 34.45
CA LEU A 279 -1.07 -11.55 34.47
C LEU A 279 -2.17 -11.12 35.43
N HIS A 280 -2.90 -12.08 36.04
CA HIS A 280 -3.89 -11.80 37.07
C HIS A 280 -5.03 -10.97 36.49
N LEU A 281 -5.40 -11.28 35.26
CA LEU A 281 -6.52 -10.66 34.57
C LEU A 281 -7.66 -11.66 34.53
N ALA A 282 -8.80 -11.30 35.13
CA ALA A 282 -9.92 -12.23 35.21
C ALA A 282 -10.69 -12.20 33.91
N SER A 283 -11.21 -13.36 33.52
CA SER A 283 -12.06 -13.39 32.34
C SER A 283 -13.40 -12.71 32.63
N PRO A 284 -13.91 -11.92 31.68
CA PRO A 284 -15.23 -11.29 31.82
C PRO A 284 -16.36 -12.12 31.25
N VAL A 285 -16.07 -13.27 30.64
CA VAL A 285 -17.08 -14.12 30.06
C VAL A 285 -16.90 -15.54 30.60
N GLN A 286 -17.91 -16.39 30.35
CA GLN A 286 -17.87 -17.78 30.79
C GLN A 286 -16.74 -18.53 30.11
N GLU A 287 -16.27 -19.59 30.76
CA GLU A 287 -15.21 -20.39 30.16
C GLU A 287 -15.71 -20.93 28.83
N SER A 288 -14.91 -20.76 27.79
CA SER A 288 -15.25 -21.26 26.46
C SER A 288 -14.00 -21.80 25.80
N PRO A 289 -14.15 -22.70 24.82
CA PRO A 289 -12.97 -23.13 24.07
C PRO A 289 -12.37 -22.03 23.22
N PHE A 290 -13.18 -21.07 22.76
CA PHE A 290 -12.63 -19.98 21.95
C PHE A 290 -13.24 -18.65 22.38
N TYR A 291 -12.45 -17.59 22.26
CA TYR A 291 -12.91 -16.24 22.50
C TYR A 291 -12.63 -15.38 21.26
N VAL A 292 -13.56 -14.46 20.99
CA VAL A 292 -13.46 -13.54 19.86
C VAL A 292 -13.59 -12.11 20.38
N LEU A 293 -12.62 -11.26 20.04
CA LEU A 293 -12.70 -9.84 20.30
C LEU A 293 -13.04 -9.10 19.01
N ILE A 294 -14.20 -8.46 18.97
CA ILE A 294 -14.65 -7.66 17.83
C ILE A 294 -14.58 -6.19 18.24
N GLU A 295 -13.93 -5.37 17.42
CA GLU A 295 -13.99 -3.93 17.58
C GLU A 295 -14.68 -3.30 16.39
N THR A 296 -15.51 -2.28 16.66
CA THR A 296 -16.09 -1.41 15.66
C THR A 296 -15.70 0.04 15.93
N SER A 297 -15.65 0.82 14.85
CA SER A 297 -15.32 2.24 14.89
C SER A 297 -16.21 2.98 13.90
N GLY A 298 -16.97 3.96 14.38
CA GLY A 298 -17.87 4.67 13.48
C GLY A 298 -18.15 6.10 13.89
N SER A 299 -18.84 6.80 12.99
CA SER A 299 -19.13 8.23 13.12
C SER A 299 -20.46 8.52 13.78
N ASN A 300 -21.41 7.57 13.76
CA ASN A 300 -22.70 7.72 14.41
C ASN A 300 -22.81 6.60 15.44
N ALA A 301 -22.70 6.97 16.71
CA ALA A 301 -22.69 5.98 17.79
C ALA A 301 -23.97 5.18 17.84
N GLY A 302 -25.11 5.82 17.53
CA GLY A 302 -26.37 5.10 17.57
C GLY A 302 -26.51 4.06 16.47
N HIS A 303 -26.08 4.39 15.25
CA HIS A 303 -26.11 3.40 14.18
C HIS A 303 -25.21 2.22 14.49
N ASP A 304 -24.00 2.48 15.02
CA ASP A 304 -23.12 1.40 15.42
C ASP A 304 -23.75 0.53 16.48
N ALA A 305 -24.30 1.15 17.53
CA ALA A 305 -24.94 0.39 18.60
C ALA A 305 -26.11 -0.45 18.08
N GLU A 306 -26.90 0.09 17.16
CA GLU A 306 -27.99 -0.68 16.55
C GLU A 306 -27.46 -1.87 15.75
N LYS A 307 -26.41 -1.66 14.96
CA LYS A 307 -25.81 -2.76 14.20
C LYS A 307 -25.32 -3.84 15.15
N LEU A 308 -24.63 -3.44 16.22
CA LEU A 308 -24.14 -4.40 17.20
C LEU A 308 -25.30 -5.14 17.86
N GLY A 309 -26.36 -4.43 18.22
CA GLY A 309 -27.52 -5.08 18.80
C GLY A 309 -28.06 -6.20 17.93
N HIS A 310 -28.30 -5.88 16.64
CA HIS A 310 -28.83 -6.90 15.74
C HIS A 310 -27.83 -8.04 15.54
N PHE A 311 -26.53 -7.71 15.44
CA PHE A 311 -25.50 -8.74 15.32
C PHE A 311 -25.48 -9.68 16.52
N LEU A 312 -25.43 -9.13 17.73
CA LEU A 312 -25.40 -9.96 18.93
C LEU A 312 -26.65 -10.80 19.04
N GLU A 313 -27.83 -10.18 18.85
CA GLU A 313 -29.08 -10.94 18.90
C GLU A 313 -29.04 -12.13 17.96
N HIS A 314 -28.60 -11.92 16.72
CA HIS A 314 -28.53 -13.01 15.75
C HIS A 314 -27.48 -14.06 16.13
N ALA A 315 -26.31 -13.63 16.60
CA ALA A 315 -25.23 -14.58 16.93
C ALA A 315 -25.58 -15.43 18.15
N LEU A 316 -26.06 -14.80 19.21
CA LEU A 316 -26.55 -15.53 20.37
C LEU A 316 -27.72 -16.44 20.00
N GLY A 317 -28.64 -15.94 19.16
CA GLY A 317 -29.81 -16.72 18.80
C GLY A 317 -29.49 -17.95 17.97
N SER A 318 -28.48 -17.87 17.11
CA SER A 318 -28.14 -18.99 16.24
C SER A 318 -27.08 -19.91 16.85
N GLY A 319 -26.73 -19.72 18.11
CA GLY A 319 -25.75 -20.56 18.77
C GLY A 319 -24.30 -20.40 18.37
N LEU A 320 -23.94 -19.36 17.61
CA LEU A 320 -22.52 -19.15 17.30
C LEU A 320 -21.76 -18.69 18.53
N VAL A 321 -22.36 -17.84 19.34
CA VAL A 321 -21.78 -17.34 20.58
C VAL A 321 -22.66 -17.81 21.73
N THR A 322 -22.04 -18.20 22.84
CA THR A 322 -22.86 -18.65 23.98
C THR A 322 -23.14 -17.51 24.93
N ASP A 323 -22.12 -16.72 25.28
CA ASP A 323 -22.29 -15.60 26.20
C ASP A 323 -21.29 -14.54 25.77
N GLY A 324 -21.69 -13.29 25.87
CA GLY A 324 -20.86 -12.18 25.42
C GLY A 324 -21.06 -10.94 26.26
N THR A 325 -20.00 -10.14 26.37
CA THR A 325 -20.08 -8.83 26.98
C THR A 325 -19.51 -7.79 26.03
N MET A 326 -20.18 -6.64 25.99
CA MET A 326 -19.80 -5.48 25.18
C MET A 326 -19.39 -4.32 26.08
N ALA A 327 -18.58 -3.44 25.52
CA ALA A 327 -18.08 -2.28 26.25
C ALA A 327 -17.86 -1.13 25.28
N THR A 328 -18.27 0.06 25.70
CA THR A 328 -17.91 1.30 25.05
C THR A 328 -17.15 2.27 25.94
N ASP A 329 -17.26 2.15 27.26
CA ASP A 329 -16.42 2.94 28.16
C ASP A 329 -14.96 2.63 27.89
N GLN A 330 -14.15 3.70 27.73
CA GLN A 330 -12.75 3.55 27.37
C GLN A 330 -12.01 2.61 28.31
N ARG A 331 -12.30 2.67 29.61
CA ARG A 331 -11.61 1.81 30.57
C ARG A 331 -11.91 0.34 30.32
N LYS A 332 -13.19 -0.01 30.19
CA LYS A 332 -13.53 -1.41 29.97
C LYS A 332 -13.11 -1.86 28.59
N VAL A 333 -13.11 -0.96 27.61
CA VAL A 333 -12.59 -1.28 26.29
C VAL A 333 -11.12 -1.67 26.39
N LYS A 334 -10.34 -0.89 27.14
CA LYS A 334 -8.93 -1.22 27.33
C LYS A 334 -8.75 -2.51 28.12
N MET A 335 -9.61 -2.80 29.08
CA MET A 335 -9.55 -4.07 29.80
C MET A 335 -9.73 -5.26 28.86
N LEU A 336 -10.79 -5.21 28.05
CA LEU A 336 -11.05 -6.30 27.12
C LEU A 336 -9.91 -6.44 26.12
N TRP A 337 -9.45 -5.31 25.56
CA TRP A 337 -8.29 -5.36 24.67
C TRP A 337 -7.07 -5.95 25.37
N ALA A 338 -6.87 -5.60 26.65
CA ALA A 338 -5.74 -6.12 27.42
C ALA A 338 -5.76 -7.64 27.49
N LEU A 339 -6.97 -8.22 27.53
CA LEU A 339 -7.03 -9.68 27.55
C LEU A 339 -6.35 -10.32 26.34
N ARG A 340 -6.40 -9.64 25.19
CA ARG A 340 -5.76 -10.09 23.95
C ARG A 340 -4.32 -9.60 23.79
N GLU A 341 -4.09 -8.30 24.00
CA GLU A 341 -2.79 -7.69 23.72
C GLU A 341 -1.65 -8.31 24.52
N ARG A 342 -1.90 -8.76 25.74
CA ARG A 342 -0.84 -9.21 26.63
C ARG A 342 -0.68 -10.73 26.66
N ILE A 343 -1.24 -11.45 25.69
CA ILE A 343 -1.08 -12.91 25.67
C ILE A 343 0.40 -13.26 25.49
N THR A 344 1.07 -12.61 24.53
CA THR A 344 2.48 -12.89 24.28
C THR A 344 3.33 -12.74 25.55
N GLU A 345 2.99 -11.77 26.39
CA GLU A 345 3.70 -11.61 27.66
C GLU A 345 3.43 -12.78 28.60
N ALA A 346 2.15 -13.14 28.77
CA ALA A 346 1.83 -14.28 29.62
C ALA A 346 2.55 -15.54 29.14
N LEU A 347 2.66 -15.70 27.82
CA LEU A 347 3.39 -16.84 27.26
C LEU A 347 4.86 -16.80 27.63
N SER A 348 5.49 -15.63 27.49
CA SER A 348 6.91 -15.51 27.85
C SER A 348 7.17 -15.69 29.34
N ARG A 349 6.13 -15.63 30.18
CA ARG A 349 6.27 -15.95 31.59
C ARG A 349 6.00 -17.41 31.92
N ASP A 350 5.54 -18.19 30.95
CA ASP A 350 5.23 -19.61 31.16
C ASP A 350 6.43 -20.51 30.98
N GLY A 351 7.56 -19.98 30.51
CA GLY A 351 8.75 -20.76 30.22
C GLY A 351 9.31 -20.44 28.86
N TYR A 352 10.03 -21.39 28.24
CA TYR A 352 10.59 -21.14 26.93
C TYR A 352 9.47 -21.19 25.88
N VAL A 353 9.52 -20.24 24.96
CA VAL A 353 8.47 -20.02 23.97
C VAL A 353 9.03 -20.31 22.57
N TYR A 354 8.39 -21.23 21.87
CA TYR A 354 8.60 -21.45 20.44
C TYR A 354 7.52 -20.65 19.72
N LYS A 355 7.92 -19.69 18.89
CA LYS A 355 7.03 -18.68 18.35
C LYS A 355 6.97 -18.80 16.83
N TYR A 356 5.77 -18.96 16.29
CA TYR A 356 5.56 -19.01 14.85
C TYR A 356 4.46 -18.02 14.47
N ASP A 357 4.65 -17.34 13.34
CA ASP A 357 3.74 -16.29 12.87
C ASP A 357 3.40 -16.63 11.42
N LEU A 358 2.22 -17.22 11.19
CA LEU A 358 1.91 -17.84 9.91
C LEU A 358 0.71 -17.17 9.26
N SER A 359 0.76 -17.04 7.94
CA SER A 359 -0.41 -16.73 7.13
C SER A 359 -0.94 -18.03 6.56
N LEU A 360 -2.18 -18.36 6.85
CA LEU A 360 -2.80 -19.60 6.41
C LEU A 360 -4.23 -19.30 5.98
N PRO A 361 -4.81 -20.15 5.14
CA PRO A 361 -6.24 -20.01 4.84
C PRO A 361 -7.05 -19.99 6.13
N VAL A 362 -7.95 -19.00 6.23
CA VAL A 362 -8.73 -18.81 7.45
C VAL A 362 -9.51 -20.07 7.81
N GLU A 363 -10.07 -20.75 6.82
CA GLU A 363 -10.85 -21.96 7.06
C GLU A 363 -10.05 -23.08 7.73
N ARG A 364 -8.71 -23.02 7.68
CA ARG A 364 -7.89 -24.00 8.38
C ARG A 364 -6.85 -23.32 9.26
N LEU A 365 -7.16 -22.13 9.78
CA LEU A 365 -6.18 -21.37 10.55
C LEU A 365 -5.74 -22.11 11.80
N TYR A 366 -6.66 -22.85 12.43
CA TYR A 366 -6.42 -23.51 13.70
C TYR A 366 -5.98 -24.97 13.57
N ASP A 367 -6.06 -25.54 12.37
CA ASP A 367 -5.75 -26.94 12.16
C ASP A 367 -4.36 -27.31 12.68
N ILE A 368 -3.39 -26.42 12.50
CA ILE A 368 -2.03 -26.71 12.93
C ILE A 368 -1.93 -26.79 14.46
N VAL A 369 -2.73 -26.02 15.18
CA VAL A 369 -2.73 -26.11 16.64
C VAL A 369 -3.17 -27.50 17.09
N THR A 370 -4.26 -28.01 16.52
CA THR A 370 -4.72 -29.35 16.85
C THR A 370 -3.70 -30.41 16.44
N ASP A 371 -3.10 -30.24 15.27
CA ASP A 371 -2.07 -31.18 14.83
C ASP A 371 -0.89 -31.20 15.80
N LEU A 372 -0.39 -30.03 16.17
CA LEU A 372 0.73 -29.98 17.10
C LEU A 372 0.36 -30.56 18.46
N ARG A 373 -0.88 -30.33 18.92
CA ARG A 373 -1.27 -30.89 20.20
C ARG A 373 -1.25 -32.42 20.17
N ALA A 374 -1.68 -33.00 19.04
CA ALA A 374 -1.60 -34.46 18.93
C ALA A 374 -0.15 -34.93 18.76
N ARG A 375 0.63 -34.19 17.99
CA ARG A 375 2.01 -34.57 17.68
C ARG A 375 2.95 -34.50 18.88
N LEU A 376 2.83 -33.47 19.72
CA LEU A 376 3.65 -33.34 20.92
C LEU A 376 3.04 -33.83 22.23
N GLY A 377 1.72 -34.07 22.31
CA GLY A 377 1.06 -34.45 23.54
C GLY A 377 1.65 -33.93 24.84
N PRO A 378 2.30 -34.79 25.62
CA PRO A 378 2.90 -34.35 26.89
C PRO A 378 4.30 -33.78 26.83
N HIS A 379 4.93 -33.65 25.65
CA HIS A 379 6.27 -33.09 25.58
C HIS A 379 6.28 -31.57 25.50
N ALA A 380 5.14 -30.93 25.32
CA ALA A 380 5.02 -29.50 25.44
C ALA A 380 4.23 -29.16 26.69
N LYS A 381 4.52 -27.99 27.26
CA LYS A 381 3.67 -27.49 28.35
C LYS A 381 2.35 -26.99 27.80
N HIS A 382 2.38 -26.08 26.83
CA HIS A 382 1.14 -25.64 26.21
C HIS A 382 1.34 -25.43 24.71
N VAL A 383 0.27 -25.67 23.95
CA VAL A 383 0.19 -25.25 22.56
C VAL A 383 -1.01 -24.33 22.42
N VAL A 384 -0.77 -23.10 21.93
CA VAL A 384 -1.83 -22.13 21.77
C VAL A 384 -1.84 -21.60 20.34
N GLY A 385 -3.02 -21.17 19.91
CA GLY A 385 -3.21 -20.44 18.67
C GLY A 385 -4.08 -19.24 18.97
N TYR A 386 -3.67 -18.07 18.51
CA TYR A 386 -4.49 -16.87 18.64
C TYR A 386 -4.14 -15.91 17.50
N GLY A 387 -4.84 -14.77 17.45
CA GLY A 387 -4.36 -13.69 16.62
C GLY A 387 -5.35 -13.11 15.64
N HIS A 388 -4.84 -12.54 14.55
CA HIS A 388 -5.63 -11.71 13.64
C HIS A 388 -6.31 -12.61 12.62
N LEU A 389 -7.39 -13.27 13.07
CA LEU A 389 -8.13 -14.18 12.20
C LEU A 389 -8.68 -13.47 10.98
N GLY A 390 -9.14 -12.22 11.14
CA GLY A 390 -9.66 -11.46 10.03
C GLY A 390 -8.67 -11.29 8.89
N ASP A 391 -7.38 -11.24 9.21
CA ASP A 391 -6.34 -11.09 8.21
C ASP A 391 -5.65 -12.41 7.87
N GLY A 392 -6.21 -13.53 8.30
CA GLY A 392 -5.64 -14.83 8.01
C GLY A 392 -4.29 -15.07 8.66
N ASN A 393 -4.07 -14.53 9.86
CA ASN A 393 -2.74 -14.49 10.46
C ASN A 393 -2.83 -15.17 11.83
N LEU A 394 -2.19 -16.32 11.95
CA LEU A 394 -2.19 -17.09 13.18
C LEU A 394 -0.87 -16.91 13.91
N HIS A 395 -0.96 -16.58 15.20
CA HIS A 395 0.17 -16.65 16.11
C HIS A 395 0.09 -18.00 16.82
N LEU A 396 1.07 -18.84 16.55
CA LEU A 396 1.15 -20.18 17.09
C LEU A 396 2.30 -20.19 18.08
N ASN A 397 2.00 -20.57 19.31
CA ASN A 397 3.07 -20.61 20.31
C ASN A 397 3.04 -21.92 21.05
N VAL A 398 4.22 -22.44 21.33
CA VAL A 398 4.38 -23.62 22.18
C VAL A 398 5.24 -23.23 23.37
N THR A 399 4.79 -23.55 24.56
CA THR A 399 5.57 -23.29 25.75
C THR A 399 6.06 -24.61 26.32
N ALA A 400 7.27 -24.56 26.89
CA ALA A 400 7.85 -25.66 27.64
C ALA A 400 8.51 -25.10 28.90
N GLU A 401 8.61 -25.94 29.93
CA GLU A 401 9.28 -25.53 31.15
C GLU A 401 10.75 -25.16 30.90
N ALA A 402 11.41 -25.81 29.95
CA ALA A 402 12.72 -25.39 29.49
C ALA A 402 12.87 -25.74 28.02
N PHE A 403 13.84 -25.10 27.37
CA PHE A 403 14.10 -25.42 25.97
C PHE A 403 14.54 -26.87 25.82
N SER A 404 14.02 -27.53 24.79
CA SER A 404 14.37 -28.91 24.47
C SER A 404 14.76 -28.98 23.00
N PRO A 405 15.96 -29.46 22.65
CA PRO A 405 16.24 -29.74 21.24
C PRO A 405 15.30 -30.77 20.64
N SER A 406 14.80 -31.70 21.46
CA SER A 406 13.77 -32.63 21.04
C SER A 406 12.54 -31.89 20.51
N LEU A 407 12.01 -30.96 21.31
CA LEU A 407 10.79 -30.27 20.91
C LEU A 407 11.02 -29.41 19.68
N LEU A 408 12.20 -28.81 19.56
CA LEU A 408 12.55 -28.08 18.35
C LEU A 408 12.54 -28.99 17.13
N ALA A 409 13.18 -30.15 17.24
CA ALA A 409 13.15 -31.13 16.13
C ALA A 409 11.74 -31.57 15.80
N ALA A 410 10.86 -31.66 16.80
CA ALA A 410 9.46 -31.97 16.52
C ALA A 410 8.73 -30.83 15.83
N LEU A 411 9.06 -29.58 16.15
CA LEU A 411 8.36 -28.43 15.58
C LEU A 411 8.89 -28.00 14.23
N GLU A 412 10.20 -28.10 14.01
CA GLU A 412 10.86 -27.57 12.82
C GLU A 412 11.66 -28.68 12.15
N PRO A 413 11.54 -28.86 10.83
CA PRO A 413 10.84 -28.00 9.86
C PRO A 413 9.33 -28.22 9.72
N HIS A 414 8.78 -29.19 10.46
CA HIS A 414 7.40 -29.60 10.30
C HIS A 414 6.42 -28.44 10.16
N VAL A 415 6.47 -27.46 11.07
CA VAL A 415 5.54 -26.34 11.00
C VAL A 415 5.70 -25.54 9.71
N TYR A 416 6.95 -25.29 9.30
CA TYR A 416 7.20 -24.57 8.07
C TYR A 416 6.77 -25.36 6.84
N GLU A 417 6.96 -26.68 6.88
CA GLU A 417 6.51 -27.53 5.78
C GLU A 417 4.99 -27.53 5.67
N TRP A 418 4.30 -27.63 6.81
CA TRP A 418 2.84 -27.53 6.85
C TRP A 418 2.38 -26.22 6.22
N THR A 419 2.95 -25.10 6.68
CA THR A 419 2.63 -23.78 6.12
C THR A 419 2.84 -23.77 4.61
N ALA A 420 3.98 -24.26 4.14
CA ALA A 420 4.23 -24.32 2.69
C ALA A 420 3.17 -25.16 1.99
N GLY A 421 2.79 -26.28 2.60
CA GLY A 421 1.70 -27.10 2.08
C GLY A 421 0.40 -26.33 1.95
N GLN A 422 0.22 -25.26 2.72
CA GLN A 422 -0.93 -24.39 2.58
C GLN A 422 -0.65 -23.17 1.71
N GLN A 423 0.49 -23.14 1.02
CA GLN A 423 0.95 -21.95 0.27
C GLN A 423 0.95 -20.71 1.16
N GLY A 424 1.37 -20.90 2.41
CA GLY A 424 1.27 -19.86 3.42
C GLY A 424 2.56 -19.07 3.57
N SER A 425 2.55 -18.15 4.53
CA SER A 425 3.72 -17.37 4.88
C SER A 425 4.26 -17.85 6.22
N VAL A 426 5.57 -18.14 6.27
CA VAL A 426 6.23 -18.49 7.52
C VAL A 426 6.56 -17.28 8.38
N SER A 427 6.30 -16.06 7.93
CA SER A 427 6.34 -14.88 8.80
C SER A 427 5.37 -13.83 8.23
N ALA A 428 4.13 -13.84 8.73
CA ALA A 428 3.14 -12.92 8.18
C ALA A 428 3.46 -11.47 8.49
N GLU A 429 3.92 -11.17 9.71
CA GLU A 429 4.00 -9.79 10.16
C GLU A 429 5.39 -9.49 10.73
N HIS A 430 5.86 -10.34 11.66
CA HIS A 430 7.01 -9.98 12.48
C HIS A 430 8.28 -9.87 11.65
N GLY A 431 8.30 -10.51 10.48
CA GLY A 431 9.42 -10.44 9.57
C GLY A 431 10.39 -11.59 9.70
N VAL A 432 11.62 -11.32 9.29
CA VAL A 432 12.63 -12.36 9.07
C VAL A 432 13.78 -12.22 10.06
N GLY A 433 14.47 -11.09 10.04
CA GLY A 433 15.57 -10.82 10.96
C GLY A 433 16.67 -11.87 10.92
N PHE A 434 17.19 -12.17 12.10
CA PHE A 434 18.18 -13.23 12.28
C PHE A 434 17.56 -14.63 12.32
N ARG A 435 16.48 -14.79 13.07
CA ARG A 435 15.92 -16.11 13.33
C ARG A 435 15.48 -16.83 12.05
N LYS A 436 14.87 -16.12 11.10
CA LYS A 436 14.17 -16.76 9.99
C LYS A 436 14.87 -16.59 8.64
N ARG A 437 16.12 -16.15 8.61
CA ARG A 437 16.78 -15.87 7.34
C ARG A 437 16.86 -17.08 6.40
N ASP A 438 16.95 -18.28 6.93
CA ASP A 438 17.08 -19.48 6.11
C ASP A 438 15.81 -20.30 5.99
N VAL A 439 14.65 -19.76 6.35
CA VAL A 439 13.42 -20.51 6.16
C VAL A 439 12.46 -19.79 5.21
N LEU A 440 12.98 -18.80 4.47
CA LEU A 440 12.15 -18.05 3.54
C LEU A 440 11.79 -18.87 2.30
N GLY A 441 12.57 -19.91 1.99
CA GLY A 441 12.26 -20.78 0.87
C GLY A 441 10.90 -21.46 0.94
N TYR A 442 10.32 -21.55 2.14
CA TYR A 442 8.97 -22.07 2.28
C TYR A 442 7.89 -21.10 1.83
N SER A 443 8.22 -19.82 1.65
CA SER A 443 7.28 -18.83 1.15
C SER A 443 7.74 -18.09 -0.10
N LYS A 444 9.02 -18.16 -0.46
CA LYS A 444 9.57 -17.37 -1.56
C LYS A 444 10.39 -18.24 -2.49
N PRO A 445 10.24 -18.09 -3.80
CA PRO A 445 11.03 -18.87 -4.74
C PRO A 445 12.43 -18.30 -4.88
N PRO A 446 13.38 -19.09 -5.39
CA PRO A 446 14.79 -18.64 -5.42
C PRO A 446 15.03 -17.37 -6.22
N GLY A 447 14.29 -17.12 -7.30
CA GLY A 447 14.48 -15.91 -8.07
C GLY A 447 14.14 -14.64 -7.31
N ALA A 448 13.07 -14.67 -6.53
CA ALA A 448 12.76 -13.55 -5.65
C ALA A 448 13.89 -13.29 -4.66
N LEU A 449 14.31 -14.31 -3.93
CA LEU A 449 15.39 -14.13 -2.95
C LEU A 449 16.67 -13.63 -3.63
N GLN A 450 16.92 -14.06 -4.87
CA GLN A 450 18.11 -13.59 -5.58
C GLN A 450 17.99 -12.10 -5.90
N LEU A 451 16.82 -11.67 -6.40
CA LEU A 451 16.64 -10.25 -6.65
C LEU A 451 16.77 -9.44 -5.36
N MET A 452 16.26 -9.97 -4.25
CA MET A 452 16.45 -9.33 -2.96
C MET A 452 17.94 -9.12 -2.66
N GLN A 453 18.74 -10.16 -2.88
CA GLN A 453 20.19 -10.04 -2.68
C GLN A 453 20.82 -9.03 -3.63
N GLN A 454 20.33 -8.96 -4.87
CA GLN A 454 20.84 -7.96 -5.81
C GLN A 454 20.53 -6.54 -5.35
N LEU A 455 19.33 -6.33 -4.80
CA LEU A 455 18.99 -5.01 -4.28
C LEU A 455 19.86 -4.67 -3.07
N LYS A 456 20.07 -5.64 -2.18
CA LYS A 456 20.97 -5.44 -1.05
C LYS A 456 22.37 -5.04 -1.53
N ALA A 457 22.87 -5.72 -2.55
CA ALA A 457 24.20 -5.40 -3.09
C ALA A 457 24.25 -4.02 -3.74
N LEU A 458 23.16 -3.60 -4.38
CA LEU A 458 23.12 -2.26 -4.95
C LEU A 458 23.11 -1.18 -3.88
N LEU A 459 22.25 -1.34 -2.86
CA LEU A 459 22.06 -0.28 -1.87
C LEU A 459 23.14 -0.28 -0.80
N ASP A 460 23.75 -1.43 -0.49
CA ASP A 460 24.73 -1.54 0.58
C ASP A 460 25.79 -2.55 0.17
N PRO A 461 26.64 -2.19 -0.80
CA PRO A 461 27.65 -3.15 -1.29
C PRO A 461 28.60 -3.68 -0.24
N LYS A 462 28.95 -2.88 0.78
CA LYS A 462 29.81 -3.36 1.85
C LYS A 462 29.08 -4.23 2.86
N GLY A 463 27.75 -4.23 2.85
CA GLY A 463 26.98 -5.03 3.78
C GLY A 463 27.13 -4.59 5.22
N ILE A 464 27.37 -3.29 5.45
CA ILE A 464 27.57 -2.77 6.80
C ILE A 464 26.26 -2.63 7.57
N LEU A 465 25.14 -2.47 6.87
CA LEU A 465 23.84 -2.28 7.52
C LEU A 465 23.25 -3.65 7.89
N ASN A 466 23.11 -3.91 9.18
CA ASN A 466 22.47 -5.11 9.69
C ASN A 466 23.00 -6.40 9.06
N PRO A 467 24.28 -6.72 9.26
CA PRO A 467 24.79 -8.00 8.78
C PRO A 467 24.09 -9.17 9.46
N TYR A 468 24.20 -10.33 8.83
CA TYR A 468 23.66 -11.61 9.28
C TYR A 468 22.14 -11.61 9.21
N LYS A 469 21.56 -10.58 8.60
CA LYS A 469 20.14 -10.43 8.32
C LYS A 469 20.07 -9.87 6.91
N THR A 470 18.87 -9.74 6.34
CA THR A 470 17.66 -10.44 6.72
C THR A 470 17.32 -11.33 5.53
N LEU A 471 18.35 -11.58 4.73
CA LEU A 471 18.36 -12.41 3.54
C LEU A 471 19.10 -13.71 3.84
N PRO A 472 18.86 -14.76 3.05
CA PRO A 472 19.52 -16.05 3.33
C PRO A 472 21.03 -15.92 3.32
N SER A 473 21.68 -16.84 4.03
CA SER A 473 23.13 -16.83 4.17
C SER A 473 23.82 -17.07 2.84
N PRO B 7 14.74 16.93 -31.43
CA PRO B 7 13.85 15.97 -30.77
C PRO B 7 14.64 14.88 -30.03
N VAL B 8 14.02 13.72 -29.84
CA VAL B 8 14.63 12.60 -29.16
C VAL B 8 15.36 11.75 -30.19
N ARG B 9 16.47 11.12 -29.77
CA ARG B 9 17.33 10.36 -30.67
C ARG B 9 17.11 8.88 -30.38
N ARG B 10 16.93 8.10 -31.44
CA ARG B 10 16.78 6.66 -31.32
C ARG B 10 18.04 6.03 -30.73
N LEU B 11 17.86 5.25 -29.67
CA LEU B 11 18.98 4.52 -29.08
C LEU B 11 19.41 3.38 -30.00
N PRO B 12 20.65 2.89 -29.84
CA PRO B 12 21.19 1.92 -30.83
C PRO B 12 20.67 0.50 -30.64
N PHE B 13 19.34 0.35 -30.70
CA PHE B 13 18.76 -0.98 -30.69
C PHE B 13 18.86 -1.59 -32.09
N SER B 14 18.77 -2.92 -32.14
CA SER B 14 18.65 -3.62 -33.41
C SER B 14 17.28 -3.35 -34.03
N THR B 15 17.03 -4.00 -35.17
CA THR B 15 15.75 -3.91 -35.85
C THR B 15 15.19 -5.30 -36.05
N VAL B 16 13.87 -5.36 -36.28
CA VAL B 16 13.18 -6.64 -36.43
C VAL B 16 13.49 -7.19 -37.83
N SER B 17 14.08 -8.38 -37.86
CA SER B 17 14.35 -9.09 -39.12
C SER B 17 13.26 -10.11 -39.41
N LYS B 18 13.33 -10.68 -40.63
CA LYS B 18 12.50 -11.84 -40.97
C LYS B 18 12.75 -13.00 -40.02
N GLN B 19 13.99 -13.17 -39.57
CA GLN B 19 14.31 -14.24 -38.63
C GLN B 19 13.67 -13.98 -37.27
N ASP B 20 13.60 -12.72 -36.86
CA ASP B 20 12.87 -12.38 -35.64
C ASP B 20 11.39 -12.68 -35.79
N LEU B 21 10.81 -12.34 -36.94
CA LEU B 21 9.40 -12.64 -37.17
C LEU B 21 9.12 -14.13 -37.10
N ALA B 22 10.02 -14.95 -37.67
CA ALA B 22 9.85 -16.41 -37.59
C ALA B 22 10.02 -16.92 -36.15
N ALA B 23 10.98 -16.36 -35.41
CA ALA B 23 11.11 -16.69 -33.99
C ALA B 23 9.84 -16.37 -33.21
N PHE B 24 9.26 -15.19 -33.44
CA PHE B 24 8.02 -14.83 -32.74
C PHE B 24 6.87 -15.73 -33.17
N GLU B 25 6.83 -16.12 -34.45
CA GLU B 25 5.78 -17.02 -34.91
C GLU B 25 5.90 -18.38 -34.23
N ARG B 26 7.13 -18.84 -34.02
CA ARG B 26 7.35 -20.04 -33.24
C ARG B 26 6.88 -19.87 -31.79
N ILE B 27 7.23 -18.75 -31.17
CA ILE B 27 6.96 -18.58 -29.74
C ILE B 27 5.48 -18.34 -29.47
N VAL B 28 4.82 -17.51 -30.28
CA VAL B 28 3.38 -17.32 -30.12
C VAL B 28 2.66 -17.55 -31.45
N PRO B 29 2.30 -18.79 -31.76
CA PRO B 29 1.59 -19.07 -33.02
C PRO B 29 0.29 -18.30 -33.11
N GLY B 30 0.11 -17.59 -34.23
CA GLY B 30 -1.07 -16.79 -34.44
C GLY B 30 -1.14 -15.49 -33.68
N GLY B 31 -0.05 -15.09 -33.02
CA GLY B 31 -0.05 -13.88 -32.22
C GLY B 31 0.91 -12.81 -32.71
N VAL B 32 1.26 -12.87 -33.99
CA VAL B 32 2.18 -11.92 -34.60
C VAL B 32 1.43 -11.12 -35.65
N VAL B 33 1.35 -9.80 -35.44
CA VAL B 33 0.69 -8.89 -36.37
C VAL B 33 1.75 -7.98 -36.97
N THR B 34 1.89 -8.05 -38.31
CA THR B 34 2.86 -7.24 -39.03
C THR B 34 2.24 -6.31 -40.04
N ASP B 35 0.95 -6.46 -40.35
CA ASP B 35 0.31 -5.64 -41.37
C ASP B 35 0.37 -4.16 -40.98
N PRO B 36 0.93 -3.30 -41.84
CA PRO B 36 1.06 -1.88 -41.46
C PRO B 36 -0.26 -1.22 -41.10
N GLU B 37 -1.32 -1.57 -41.82
CA GLU B 37 -2.64 -1.02 -41.54
C GLU B 37 -3.20 -1.50 -40.20
N ALA B 38 -2.89 -2.73 -39.81
CA ALA B 38 -3.27 -3.21 -38.48
C ALA B 38 -2.48 -2.55 -37.36
N LEU B 39 -1.22 -2.19 -37.60
CA LEU B 39 -0.41 -1.51 -36.60
C LEU B 39 -0.72 -0.03 -36.43
N GLN B 40 -1.58 0.54 -37.27
CA GLN B 40 -1.94 1.95 -37.14
C GLN B 40 -2.51 2.23 -35.75
N ALA B 41 -3.60 1.54 -35.39
CA ALA B 41 -4.29 1.86 -34.14
C ALA B 41 -3.36 1.66 -32.94
N PRO B 42 -2.70 0.51 -32.76
CA PRO B 42 -1.80 0.36 -31.60
C PRO B 42 -0.62 1.32 -31.61
N ASN B 43 -0.30 1.95 -32.75
CA ASN B 43 0.77 2.94 -32.71
C ASN B 43 0.34 4.32 -32.22
N VAL B 44 -0.96 4.60 -32.10
CA VAL B 44 -1.45 5.93 -31.69
C VAL B 44 -1.97 5.88 -30.26
N ASP B 45 -1.57 6.87 -29.46
CA ASP B 45 -2.01 6.97 -28.07
C ASP B 45 -3.48 7.40 -28.00
N TRP B 46 -4.04 7.30 -26.79
CA TRP B 46 -5.46 7.64 -26.59
C TRP B 46 -5.77 9.09 -26.96
N LEU B 47 -4.85 10.00 -26.65
CA LEU B 47 -5.06 11.42 -26.96
C LEU B 47 -4.86 11.73 -28.44
N ARG B 48 -4.27 10.81 -29.20
CA ARG B 48 -4.03 10.97 -30.63
C ARG B 48 -3.02 12.06 -30.93
N THR B 49 -2.07 12.30 -30.01
CA THR B 49 -1.04 13.30 -30.24
C THR B 49 0.36 12.70 -30.31
N LEU B 50 0.49 11.39 -30.16
CA LEU B 50 1.75 10.68 -30.34
C LEU B 50 1.52 9.49 -31.26
N ARG B 51 2.45 9.27 -32.19
CA ARG B 51 2.36 8.15 -33.11
C ARG B 51 3.71 7.45 -33.19
N GLY B 52 3.72 6.13 -32.95
CA GLY B 52 4.91 5.35 -33.17
C GLY B 52 5.02 4.78 -34.58
N CYS B 53 6.16 4.16 -34.85
CA CYS B 53 6.46 3.52 -36.13
C CYS B 53 6.77 2.04 -35.93
N SER B 54 6.12 1.39 -34.96
CA SER B 54 6.33 -0.04 -34.75
C SER B 54 5.83 -0.84 -35.94
N LYS B 55 6.60 -1.87 -36.31
CA LYS B 55 6.26 -2.76 -37.41
C LYS B 55 5.86 -4.17 -36.97
N VAL B 56 5.76 -4.45 -35.68
CA VAL B 56 5.31 -5.77 -35.24
C VAL B 56 4.56 -5.65 -33.93
N LEU B 57 3.39 -6.28 -33.87
CA LEU B 57 2.58 -6.43 -32.66
C LEU B 57 2.57 -7.89 -32.24
N LEU B 58 2.95 -8.17 -31.00
CA LEU B 58 2.90 -9.51 -30.44
C LEU B 58 1.78 -9.58 -29.41
N ARG B 59 0.97 -10.63 -29.49
CA ARG B 59 -0.19 -10.82 -28.60
C ARG B 59 -0.13 -12.19 -27.92
N PRO B 60 0.78 -12.37 -26.97
CA PRO B 60 0.88 -13.66 -26.28
C PRO B 60 -0.38 -13.96 -25.47
N ARG B 61 -0.60 -15.25 -25.22
CA ARG B 61 -1.66 -15.69 -24.32
C ARG B 61 -1.19 -16.06 -22.93
N THR B 62 0.08 -16.44 -22.77
CA THR B 62 0.57 -17.05 -21.53
C THR B 62 1.84 -16.36 -21.06
N SER B 63 2.15 -16.56 -19.78
CA SER B 63 3.36 -15.99 -19.19
C SER B 63 4.62 -16.57 -19.83
N GLU B 64 4.62 -17.87 -20.14
CA GLU B 64 5.78 -18.48 -20.79
C GLU B 64 6.07 -17.83 -22.14
N GLU B 65 5.03 -17.53 -22.91
CA GLU B 65 5.23 -16.85 -24.18
C GLU B 65 5.85 -15.47 -24.00
N VAL B 66 5.45 -14.74 -22.96
CA VAL B 66 6.04 -13.44 -22.68
C VAL B 66 7.51 -13.59 -22.29
N SER B 67 7.79 -14.55 -21.43
CA SER B 67 9.17 -14.89 -21.06
C SER B 67 10.03 -15.16 -22.29
N HIS B 68 9.55 -16.01 -23.19
CA HIS B 68 10.33 -16.36 -24.38
C HIS B 68 10.50 -15.17 -25.32
N ILE B 69 9.44 -14.39 -25.52
CA ILE B 69 9.56 -13.17 -26.32
C ILE B 69 10.67 -12.28 -25.78
N LEU B 70 10.64 -12.01 -24.47
CA LEU B 70 11.63 -11.12 -23.89
C LEU B 70 13.02 -11.75 -23.92
N ARG B 71 13.12 -13.06 -23.73
CA ARG B 71 14.39 -13.77 -23.92
C ARG B 71 14.99 -13.48 -25.29
N HIS B 72 14.17 -13.63 -26.33
CA HIS B 72 14.62 -13.35 -27.69
C HIS B 72 15.03 -11.89 -27.86
N CYS B 73 14.18 -10.97 -27.44
CA CYS B 73 14.51 -9.54 -27.53
C CYS B 73 15.77 -9.18 -26.77
N HIS B 74 16.02 -9.84 -25.63
CA HIS B 74 17.23 -9.59 -24.86
C HIS B 74 18.47 -10.07 -25.63
N GLU B 75 18.40 -11.28 -26.18
CA GLU B 75 19.52 -11.77 -26.98
C GLU B 75 19.76 -10.88 -28.20
N ARG B 76 18.69 -10.43 -28.85
CA ARG B 76 18.76 -9.66 -30.09
C ARG B 76 18.92 -8.15 -29.88
N ASN B 77 18.80 -7.65 -28.65
CA ASN B 77 18.82 -6.21 -28.38
C ASN B 77 17.69 -5.47 -29.10
N LEU B 78 16.48 -6.02 -28.98
CA LEU B 78 15.28 -5.42 -29.55
C LEU B 78 14.47 -4.73 -28.45
N ALA B 79 14.17 -3.45 -28.67
CA ALA B 79 13.35 -2.71 -27.71
C ALA B 79 11.90 -3.17 -27.76
N VAL B 80 11.25 -3.14 -26.60
CA VAL B 80 9.89 -3.66 -26.44
C VAL B 80 9.04 -2.59 -25.77
N ASN B 81 7.84 -2.37 -26.31
CA ASN B 81 6.87 -1.42 -25.75
C ASN B 81 5.67 -2.20 -25.23
N PRO B 82 5.58 -2.46 -23.93
CA PRO B 82 4.37 -3.10 -23.38
C PRO B 82 3.15 -2.21 -23.56
N GLN B 83 2.01 -2.83 -23.82
CA GLN B 83 0.76 -2.12 -24.01
C GLN B 83 -0.40 -2.92 -23.42
N GLY B 84 -1.25 -2.23 -22.66
CA GLY B 84 -2.50 -2.81 -22.20
C GLY B 84 -3.70 -2.30 -22.99
N GLY B 85 -4.61 -1.61 -22.31
CA GLY B 85 -5.77 -1.00 -22.95
C GLY B 85 -5.46 0.20 -23.83
N ASN B 86 -4.23 0.71 -23.78
CA ASN B 86 -3.81 1.91 -24.51
C ASN B 86 -4.70 3.11 -24.16
N THR B 87 -5.07 3.22 -22.89
CA THR B 87 -5.82 4.36 -22.38
C THR B 87 -4.94 5.33 -21.59
N GLY B 88 -3.64 5.02 -21.47
CA GLY B 88 -2.73 5.92 -20.78
C GLY B 88 -2.69 7.31 -21.37
N MET B 89 -2.40 8.30 -20.52
CA MET B 89 -2.51 9.71 -20.86
C MET B 89 -1.17 10.39 -21.04
N VAL B 90 -0.06 9.68 -20.89
CA VAL B 90 1.24 10.34 -20.83
C VAL B 90 2.21 9.80 -21.88
N GLY B 91 1.68 9.24 -22.96
CA GLY B 91 2.54 8.71 -24.02
C GLY B 91 3.34 7.48 -23.68
N GLY B 92 3.11 6.85 -22.53
CA GLY B 92 3.87 5.67 -22.17
C GLY B 92 3.48 4.42 -22.92
N SER B 93 2.32 4.45 -23.59
CA SER B 93 1.67 3.24 -24.09
C SER B 93 1.99 2.93 -25.54
N VAL B 94 2.58 3.86 -26.29
CA VAL B 94 2.86 3.62 -27.70
C VAL B 94 4.35 3.85 -27.93
N PRO B 95 4.91 3.24 -28.98
CA PRO B 95 6.34 3.42 -29.26
C PRO B 95 6.68 4.83 -29.70
N VAL B 96 7.94 5.18 -29.49
CA VAL B 96 8.48 6.43 -30.02
C VAL B 96 9.04 6.23 -31.41
N PHE B 97 9.84 5.17 -31.58
CA PHE B 97 10.36 4.76 -32.88
C PHE B 97 9.76 3.42 -33.28
N ASP B 98 10.57 2.36 -33.30
CA ASP B 98 10.14 1.07 -33.83
C ASP B 98 10.18 -0.03 -32.77
N GLU B 99 9.90 0.32 -31.52
CA GLU B 99 9.83 -0.68 -30.46
C GLU B 99 8.74 -1.69 -30.73
N ILE B 100 9.02 -2.95 -30.41
CA ILE B 100 8.01 -4.00 -30.56
C ILE B 100 6.88 -3.74 -29.58
N ILE B 101 5.64 -3.78 -30.06
CA ILE B 101 4.47 -3.62 -29.21
C ILE B 101 4.08 -5.01 -28.68
N LEU B 102 4.22 -5.21 -27.37
CA LEU B 102 3.83 -6.45 -26.72
C LEU B 102 2.49 -6.25 -26.00
N SER B 103 1.42 -6.78 -26.59
CA SER B 103 0.06 -6.53 -26.12
C SER B 103 -0.40 -7.68 -25.22
N THR B 104 -1.09 -7.33 -24.14
CA THR B 104 -1.71 -8.29 -23.24
C THR B 104 -3.16 -8.59 -23.58
N ALA B 105 -3.64 -8.13 -24.75
CA ALA B 105 -5.04 -8.31 -25.14
C ALA B 105 -5.53 -9.73 -25.01
N ARG B 106 -4.68 -10.74 -25.25
CA ARG B 106 -5.10 -12.13 -25.20
C ARG B 106 -4.74 -12.82 -23.88
N MET B 107 -4.23 -12.07 -22.91
CA MET B 107 -3.99 -12.59 -21.57
C MET B 107 -5.13 -12.14 -20.67
N ASN B 108 -6.30 -12.73 -20.90
CA ASN B 108 -7.56 -12.20 -20.36
C ASN B 108 -8.33 -13.27 -19.58
N ARG B 109 -7.61 -14.17 -18.92
CA ARG B 109 -8.21 -15.27 -18.17
C ARG B 109 -8.18 -14.97 -16.68
N VAL B 110 -9.23 -15.40 -15.98
CA VAL B 110 -9.23 -15.41 -14.52
C VAL B 110 -8.66 -16.74 -14.09
N LEU B 111 -7.68 -16.72 -13.20
CA LEU B 111 -7.10 -17.97 -12.71
C LEU B 111 -7.92 -18.55 -11.57
N SER B 112 -8.29 -17.72 -10.58
CA SER B 112 -9.05 -18.20 -9.44
C SER B 112 -9.66 -17.03 -8.70
N PHE B 113 -10.73 -17.32 -7.97
CA PHE B 113 -11.36 -16.34 -7.08
C PHE B 113 -11.87 -17.09 -5.85
N HIS B 114 -11.41 -16.66 -4.68
CA HIS B 114 -11.79 -17.28 -3.41
C HIS B 114 -12.92 -16.47 -2.79
N SER B 115 -14.09 -17.11 -2.68
CA SER B 115 -15.32 -16.44 -2.29
C SER B 115 -15.40 -16.13 -0.79
N VAL B 116 -14.36 -16.42 -0.03
CA VAL B 116 -14.30 -16.05 1.38
C VAL B 116 -13.27 -14.96 1.63
N SER B 117 -12.03 -15.17 1.20
CA SER B 117 -11.02 -14.12 1.34
C SER B 117 -11.26 -12.95 0.40
N GLY B 118 -11.95 -13.18 -0.71
CA GLY B 118 -12.16 -12.14 -1.70
C GLY B 118 -10.94 -11.83 -2.54
N ILE B 119 -10.01 -12.77 -2.63
CA ILE B 119 -8.77 -12.60 -3.38
C ILE B 119 -8.99 -13.05 -4.83
N LEU B 120 -8.77 -12.13 -5.76
CA LEU B 120 -8.85 -12.40 -7.19
C LEU B 120 -7.43 -12.59 -7.72
N VAL B 121 -7.26 -13.60 -8.57
CA VAL B 121 -6.02 -13.78 -9.33
C VAL B 121 -6.37 -13.91 -10.80
N CYS B 122 -5.74 -13.06 -11.63
CA CYS B 122 -6.10 -12.99 -13.03
C CYS B 122 -4.91 -12.53 -13.85
N GLN B 123 -4.98 -12.79 -15.15
CA GLN B 123 -3.95 -12.32 -16.06
C GLN B 123 -4.01 -10.80 -16.22
N ALA B 124 -2.84 -10.21 -16.52
CA ALA B 124 -2.69 -8.77 -16.62
C ALA B 124 -3.63 -8.11 -17.63
N GLY B 125 -3.98 -8.82 -18.69
CA GLY B 125 -4.81 -8.25 -19.73
C GLY B 125 -6.31 -8.34 -19.55
N CYS B 126 -6.79 -8.82 -18.40
CA CYS B 126 -8.21 -8.75 -18.09
C CYS B 126 -8.69 -7.30 -18.00
N VAL B 127 -9.79 -7.01 -18.67
CA VAL B 127 -10.34 -5.66 -18.74
C VAL B 127 -11.05 -5.35 -17.43
N LEU B 128 -10.76 -4.16 -16.86
CA LEU B 128 -11.26 -3.80 -15.54
C LEU B 128 -12.77 -3.99 -15.41
N GLU B 129 -13.54 -3.50 -16.38
CA GLU B 129 -15.00 -3.61 -16.29
C GLU B 129 -15.46 -5.05 -16.29
N GLU B 130 -14.76 -5.91 -17.02
CA GLU B 130 -15.13 -7.33 -17.08
C GLU B 130 -14.80 -8.02 -15.76
N LEU B 131 -13.67 -7.66 -15.14
CA LEU B 131 -13.38 -8.15 -13.80
C LEU B 131 -14.41 -7.67 -12.79
N SER B 132 -14.87 -6.43 -12.93
CA SER B 132 -15.92 -5.91 -12.06
C SER B 132 -17.19 -6.73 -12.20
N ARG B 133 -17.61 -7.00 -13.43
CA ARG B 133 -18.79 -7.84 -13.66
C ARG B 133 -18.60 -9.22 -13.04
N TYR B 134 -17.40 -9.79 -13.19
CA TYR B 134 -17.11 -11.12 -12.67
C TYR B 134 -17.22 -11.16 -11.15
N VAL B 135 -16.57 -10.23 -10.46
CA VAL B 135 -16.60 -10.27 -9.00
C VAL B 135 -17.97 -9.84 -8.47
N GLU B 136 -18.67 -8.91 -9.14
CA GLU B 136 -19.99 -8.52 -8.68
C GLU B 136 -20.98 -9.66 -8.79
N GLU B 137 -20.85 -10.50 -9.82
CA GLU B 137 -21.62 -11.75 -9.85
C GLU B 137 -21.42 -12.57 -8.58
N ARG B 138 -20.25 -12.46 -7.95
CA ARG B 138 -19.96 -13.16 -6.70
C ARG B 138 -20.06 -12.26 -5.48
N ASP B 139 -20.71 -11.11 -5.60
CA ASP B 139 -20.95 -10.18 -4.49
C ASP B 139 -19.65 -9.58 -3.94
N PHE B 140 -18.68 -9.32 -4.83
CA PHE B 140 -17.53 -8.50 -4.51
C PHE B 140 -17.39 -7.38 -5.52
N ILE B 141 -16.48 -6.45 -5.26
CA ILE B 141 -16.17 -5.38 -6.20
C ILE B 141 -14.66 -5.27 -6.37
N MET B 142 -14.25 -4.63 -7.45
CA MET B 142 -12.86 -4.27 -7.63
C MET B 142 -12.49 -3.12 -6.71
N PRO B 143 -11.29 -3.12 -6.13
CA PRO B 143 -10.89 -2.02 -5.24
C PRO B 143 -10.63 -0.70 -5.96
N LEU B 144 -10.69 -0.67 -7.28
CA LEU B 144 -10.51 0.58 -8.03
C LEU B 144 -11.50 0.63 -9.19
N ASP B 145 -11.83 1.85 -9.60
CA ASP B 145 -12.66 2.06 -10.78
C ASP B 145 -12.23 3.37 -11.44
N LEU B 146 -12.38 3.44 -12.75
CA LEU B 146 -12.07 4.67 -13.48
C LEU B 146 -12.84 4.68 -14.80
N GLY B 147 -12.97 5.88 -15.36
CA GLY B 147 -13.72 6.07 -16.59
C GLY B 147 -13.24 5.21 -17.75
N ALA B 148 -11.97 4.81 -17.74
CA ALA B 148 -11.42 3.93 -18.76
C ALA B 148 -11.76 2.45 -18.54
N LYS B 149 -12.56 2.14 -17.51
CA LYS B 149 -12.83 0.75 -17.13
C LYS B 149 -13.15 -0.15 -18.33
N GLY B 150 -13.85 0.39 -19.32
CA GLY B 150 -14.23 -0.41 -20.48
C GLY B 150 -13.08 -0.87 -21.35
N SER B 151 -11.90 -0.26 -21.22
CA SER B 151 -10.79 -0.64 -22.11
C SER B 151 -9.50 -0.99 -21.37
N CYS B 152 -9.28 -0.38 -20.21
CA CYS B 152 -8.00 -0.55 -19.53
C CYS B 152 -7.84 -1.95 -18.96
N HIS B 153 -6.60 -2.42 -18.94
CA HIS B 153 -6.26 -3.74 -18.40
C HIS B 153 -5.78 -3.60 -16.97
N ILE B 154 -6.10 -4.61 -16.16
CA ILE B 154 -5.65 -4.60 -14.77
C ILE B 154 -4.13 -4.50 -14.69
N GLY B 155 -3.42 -5.12 -15.62
CA GLY B 155 -1.97 -5.00 -15.66
C GLY B 155 -1.52 -3.57 -15.93
N GLY B 156 -2.22 -2.89 -16.84
CA GLY B 156 -1.96 -1.47 -17.04
C GLY B 156 -2.21 -0.65 -15.79
N ASN B 157 -3.33 -0.90 -15.12
CA ASN B 157 -3.65 -0.20 -13.87
C ASN B 157 -2.54 -0.38 -12.83
N VAL B 158 -2.06 -1.61 -12.67
CA VAL B 158 -0.95 -1.85 -11.73
C VAL B 158 0.32 -1.13 -12.20
N ALA B 159 0.63 -1.21 -13.50
CA ALA B 159 1.86 -0.60 -14.00
C ALA B 159 1.85 0.92 -13.85
N THR B 160 0.70 1.55 -14.00
CA THR B 160 0.59 3.00 -13.81
C THR B 160 0.26 3.40 -12.38
N ASN B 161 -0.02 2.45 -11.50
CA ASN B 161 -0.53 2.73 -10.15
C ASN B 161 -1.76 3.63 -10.22
N ALA B 162 -2.74 3.19 -11.01
CA ALA B 162 -3.95 3.97 -11.26
C ALA B 162 -4.68 4.31 -9.97
N GLY B 163 -5.18 5.54 -9.88
CA GLY B 163 -5.98 5.99 -8.75
C GLY B 163 -7.45 5.70 -8.95
N GLY B 164 -8.21 6.72 -9.36
CA GLY B 164 -9.59 6.53 -9.76
C GLY B 164 -10.61 6.97 -8.72
N LEU B 165 -11.85 6.55 -8.96
CA LEU B 165 -13.05 7.14 -8.38
C LEU B 165 -13.38 6.61 -7.00
N ARG B 166 -12.75 5.54 -6.55
CA ARG B 166 -13.01 4.97 -5.23
C ARG B 166 -11.73 4.85 -4.41
N PHE B 167 -10.69 5.59 -4.83
CA PHE B 167 -9.42 5.61 -4.11
C PHE B 167 -9.62 6.09 -2.68
N LEU B 168 -10.43 7.13 -2.50
CA LEU B 168 -10.75 7.67 -1.18
C LEU B 168 -11.23 6.61 -0.21
N ARG B 169 -11.91 5.57 -0.69
CA ARG B 169 -12.41 4.52 0.19
C ARG B 169 -11.46 3.33 0.33
N TYR B 170 -10.95 2.81 -0.79
CA TYR B 170 -10.16 1.58 -0.77
C TYR B 170 -8.65 1.78 -0.89
N GLY B 171 -8.19 2.99 -1.20
CA GLY B 171 -6.78 3.28 -1.21
C GLY B 171 -6.00 2.79 -2.43
N SER B 172 -4.68 2.87 -2.30
CA SER B 172 -3.77 2.60 -3.39
C SER B 172 -3.68 1.12 -3.74
N LEU B 173 -3.33 0.86 -5.01
CA LEU B 173 -2.94 -0.48 -5.43
C LEU B 173 -1.72 -0.99 -4.67
N HIS B 174 -0.85 -0.07 -4.21
CA HIS B 174 0.25 -0.47 -3.34
C HIS B 174 -0.25 -1.19 -2.08
N GLY B 175 -1.48 -0.92 -1.67
CA GLY B 175 -2.10 -1.67 -0.58
C GLY B 175 -2.95 -2.84 -1.00
N THR B 176 -3.67 -2.71 -2.12
CA THR B 176 -4.66 -3.72 -2.50
C THR B 176 -4.09 -4.83 -3.38
N VAL B 177 -2.97 -4.59 -4.06
CA VAL B 177 -2.33 -5.67 -4.81
C VAL B 177 -1.65 -6.59 -3.81
N LEU B 178 -2.04 -7.86 -3.83
CA LEU B 178 -1.42 -8.84 -2.95
C LEU B 178 -0.22 -9.54 -3.58
N GLY B 179 -0.17 -9.63 -4.91
CA GLY B 179 0.95 -10.30 -5.54
C GLY B 179 1.00 -10.07 -7.02
N LEU B 180 2.19 -10.27 -7.59
CA LEU B 180 2.39 -10.13 -9.02
C LEU B 180 3.30 -11.22 -9.57
N GLU B 181 2.99 -11.69 -10.77
CA GLU B 181 3.95 -12.38 -11.62
C GLU B 181 4.42 -11.39 -12.67
N VAL B 182 5.74 -11.24 -12.80
CA VAL B 182 6.36 -10.24 -13.66
C VAL B 182 7.45 -10.90 -14.48
N VAL B 183 7.48 -10.63 -15.78
CA VAL B 183 8.58 -11.10 -16.63
C VAL B 183 9.57 -9.96 -16.78
N LEU B 184 10.83 -10.25 -16.43
CA LEU B 184 11.91 -9.27 -16.50
C LEU B 184 12.47 -9.18 -17.92
N ALA B 185 13.29 -8.16 -18.14
CA ALA B 185 13.79 -7.84 -19.47
C ALA B 185 14.52 -9.01 -20.12
N ASP B 186 15.28 -9.78 -19.33
CA ASP B 186 15.96 -10.95 -19.88
C ASP B 186 15.07 -12.18 -19.96
N GLY B 187 13.79 -12.08 -19.61
CA GLY B 187 12.85 -13.18 -19.68
C GLY B 187 12.72 -13.99 -18.41
N THR B 188 13.48 -13.65 -17.36
CA THR B 188 13.28 -14.28 -16.06
C THR B 188 11.88 -14.03 -15.54
N VAL B 189 11.19 -15.10 -15.16
CA VAL B 189 9.85 -15.00 -14.58
C VAL B 189 10.01 -14.82 -13.07
N LEU B 190 9.69 -13.63 -12.58
CA LEU B 190 9.72 -13.29 -11.17
C LEU B 190 8.35 -13.60 -10.57
N ASP B 191 8.33 -14.58 -9.68
CA ASP B 191 7.12 -15.03 -8.99
C ASP B 191 7.02 -14.35 -7.63
N CYS B 192 6.26 -13.26 -7.57
CA CYS B 192 5.90 -12.61 -6.31
C CYS B 192 4.39 -12.73 -6.11
N LEU B 193 3.82 -13.85 -6.56
CA LEU B 193 2.37 -14.01 -6.63
C LEU B 193 1.87 -14.63 -5.32
N THR B 194 2.01 -13.84 -4.26
CA THR B 194 1.68 -14.25 -2.90
C THR B 194 0.23 -13.89 -2.62
N SER B 195 -0.70 -14.76 -3.02
CA SER B 195 -2.11 -14.47 -2.79
C SER B 195 -2.44 -14.66 -1.32
N LEU B 196 -1.76 -13.90 -0.47
CA LEU B 196 -1.93 -13.90 0.98
C LEU B 196 -2.18 -12.47 1.44
N ARG B 197 -3.06 -12.31 2.43
CA ARG B 197 -3.32 -10.98 2.96
C ARG B 197 -2.06 -10.38 3.59
N LYS B 198 -1.28 -11.19 4.30
CA LYS B 198 -0.07 -10.72 4.98
C LYS B 198 1.07 -11.69 4.72
N ASP B 199 2.26 -11.13 4.50
CA ASP B 199 3.46 -11.92 4.21
C ASP B 199 4.71 -11.08 4.27
N ASN B 200 5.42 -11.10 5.41
CA ASN B 200 6.65 -10.34 5.59
C ASN B 200 7.87 -11.26 5.52
N THR B 201 7.98 -12.00 4.41
CA THR B 201 9.10 -12.89 4.16
C THR B 201 10.03 -12.26 3.13
N GLY B 202 10.74 -11.23 3.58
CA GLY B 202 11.71 -10.54 2.76
C GLY B 202 11.14 -9.26 2.15
N TYR B 203 11.88 -8.74 1.17
CA TYR B 203 11.52 -7.47 0.56
C TYR B 203 10.24 -7.61 -0.25
N ASP B 204 9.43 -6.53 -0.24
CA ASP B 204 8.16 -6.49 -0.96
C ASP B 204 8.46 -6.11 -2.41
N LEU B 205 9.01 -7.09 -3.15
CA LEU B 205 9.54 -6.82 -4.48
C LEU B 205 8.46 -6.33 -5.43
N LYS B 206 7.22 -6.81 -5.27
CA LYS B 206 6.14 -6.42 -6.17
C LYS B 206 5.93 -4.91 -6.18
N GLN B 207 6.23 -4.25 -5.06
CA GLN B 207 6.03 -2.80 -4.99
C GLN B 207 6.85 -2.07 -6.05
N LEU B 208 8.03 -2.59 -6.40
CA LEU B 208 8.84 -1.95 -7.44
C LEU B 208 8.10 -1.88 -8.77
N PHE B 209 7.24 -2.85 -9.05
CA PHE B 209 6.56 -2.91 -10.34
C PHE B 209 5.23 -2.18 -10.34
N ILE B 210 4.74 -1.76 -9.19
CA ILE B 210 3.51 -0.96 -9.10
C ILE B 210 3.91 0.49 -9.35
N GLY B 211 3.43 1.05 -10.47
CA GLY B 211 3.77 2.41 -10.84
C GLY B 211 5.04 2.57 -11.66
N SER B 212 5.69 1.46 -12.05
CA SER B 212 6.91 1.51 -12.83
C SER B 212 6.67 1.54 -14.35
N GLU B 213 5.41 1.44 -14.79
CA GLU B 213 5.03 1.72 -16.17
C GLU B 213 5.81 0.89 -17.19
N GLY B 214 6.06 -0.38 -16.86
CA GLY B 214 6.72 -1.27 -17.79
C GLY B 214 8.18 -1.01 -18.07
N THR B 215 8.86 -0.21 -17.26
CA THR B 215 10.27 0.04 -17.45
C THR B 215 11.17 -0.91 -16.66
N LEU B 216 10.61 -1.66 -15.72
CA LEU B 216 11.36 -2.60 -14.90
C LEU B 216 10.97 -4.05 -15.15
N GLY B 217 9.85 -4.28 -15.82
CA GLY B 217 9.41 -5.63 -16.14
C GLY B 217 7.98 -5.57 -16.63
N ILE B 218 7.54 -6.70 -17.17
CA ILE B 218 6.19 -6.80 -17.73
C ILE B 218 5.36 -7.62 -16.76
N ILE B 219 4.29 -7.02 -16.25
CA ILE B 219 3.39 -7.70 -15.35
C ILE B 219 2.53 -8.68 -16.14
N THR B 220 2.54 -9.94 -15.72
CA THR B 220 1.75 -10.96 -16.39
C THR B 220 0.61 -11.51 -15.56
N THR B 221 0.73 -11.51 -14.23
CA THR B 221 -0.37 -12.00 -13.41
C THR B 221 -0.53 -11.12 -12.18
N VAL B 222 -1.78 -10.88 -11.78
CA VAL B 222 -2.07 -10.02 -10.63
C VAL B 222 -2.94 -10.77 -9.63
N SER B 223 -2.59 -10.66 -8.35
CA SER B 223 -3.40 -11.07 -7.22
C SER B 223 -3.80 -9.80 -6.48
N ILE B 224 -5.12 -9.60 -6.32
CA ILE B 224 -5.70 -8.35 -5.83
C ILE B 224 -6.81 -8.63 -4.83
N LEU B 225 -6.84 -7.82 -3.77
CA LEU B 225 -7.85 -7.93 -2.73
C LEU B 225 -9.12 -7.19 -3.16
N CYS B 226 -10.24 -7.92 -3.25
CA CYS B 226 -11.49 -7.33 -3.71
C CYS B 226 -12.38 -7.04 -2.51
N PRO B 227 -12.77 -5.79 -2.27
CA PRO B 227 -13.71 -5.50 -1.18
C PRO B 227 -15.04 -6.18 -1.40
N PRO B 228 -15.80 -6.43 -0.34
CA PRO B 228 -17.16 -6.95 -0.53
C PRO B 228 -18.07 -5.96 -1.23
N LYS B 229 -19.04 -6.48 -1.97
CA LYS B 229 -19.98 -5.61 -2.66
C LYS B 229 -20.91 -4.99 -1.63
N PRO B 230 -21.05 -3.66 -1.60
CA PRO B 230 -21.92 -3.04 -0.59
C PRO B 230 -23.37 -3.39 -0.79
N ARG B 231 -24.09 -3.58 0.31
CA ARG B 231 -25.53 -3.80 0.23
C ARG B 231 -26.24 -2.56 -0.26
N ALA B 232 -25.77 -1.37 0.14
CA ALA B 232 -26.45 -0.13 -0.19
C ALA B 232 -25.46 0.86 -0.78
N VAL B 233 -25.79 1.40 -1.95
CA VAL B 233 -25.03 2.44 -2.61
C VAL B 233 -25.96 3.63 -2.84
N ASN B 234 -25.53 4.81 -2.41
CA ASN B 234 -26.25 6.04 -2.67
C ASN B 234 -25.39 7.03 -3.44
N VAL B 235 -26.01 7.83 -4.31
CA VAL B 235 -25.31 8.94 -4.94
C VAL B 235 -26.10 10.23 -4.74
N ALA B 236 -25.40 11.30 -4.36
CA ALA B 236 -25.95 12.64 -4.31
C ALA B 236 -25.18 13.54 -5.25
N PHE B 237 -25.91 14.39 -6.00
CA PHE B 237 -25.31 15.32 -6.94
C PHE B 237 -25.79 16.73 -6.59
N LEU B 238 -24.85 17.62 -6.31
CA LEU B 238 -25.12 18.87 -5.60
C LEU B 238 -24.47 20.02 -6.35
N GLY B 239 -25.15 21.16 -6.40
CA GLY B 239 -24.58 22.39 -6.91
C GLY B 239 -24.10 23.27 -5.77
N CYS B 240 -22.87 23.78 -5.91
CA CYS B 240 -22.31 24.67 -4.93
C CYS B 240 -22.01 26.05 -5.54
N PRO B 241 -22.26 27.12 -4.79
CA PRO B 241 -22.13 28.48 -5.33
C PRO B 241 -20.70 28.99 -5.38
N GLY B 242 -19.75 28.26 -4.84
CA GLY B 242 -18.35 28.64 -4.93
C GLY B 242 -17.47 27.52 -4.42
N PHE B 243 -16.17 27.66 -4.68
CA PHE B 243 -15.24 26.63 -4.25
C PHE B 243 -15.10 26.54 -2.74
N ALA B 244 -15.22 27.67 -2.04
CA ALA B 244 -15.21 27.63 -0.58
C ALA B 244 -16.32 26.75 -0.05
N GLU B 245 -17.52 26.87 -0.64
CA GLU B 245 -18.62 26.02 -0.23
C GLU B 245 -18.37 24.57 -0.61
N VAL B 246 -17.70 24.32 -1.74
CA VAL B 246 -17.28 22.96 -2.07
C VAL B 246 -16.40 22.37 -0.97
N LEU B 247 -15.41 23.14 -0.52
CA LEU B 247 -14.50 22.68 0.53
C LEU B 247 -15.23 22.45 1.84
N GLN B 248 -16.13 23.36 2.22
CA GLN B 248 -16.91 23.14 3.42
C GLN B 248 -17.90 21.98 3.26
N THR B 249 -18.41 21.76 2.05
CA THR B 249 -19.23 20.58 1.79
C THR B 249 -18.44 19.31 1.99
N PHE B 250 -17.18 19.31 1.58
CA PHE B 250 -16.30 18.17 1.82
C PHE B 250 -16.08 17.94 3.32
N SER B 251 -15.67 18.99 4.03
CA SER B 251 -15.50 18.88 5.48
C SER B 251 -16.77 18.35 6.17
N THR B 252 -17.92 18.95 5.87
CA THR B 252 -19.18 18.48 6.45
C THR B 252 -19.49 17.05 6.05
N CYS B 253 -19.22 16.71 4.79
CA CYS B 253 -19.47 15.36 4.30
C CYS B 253 -18.67 14.34 5.08
N LYS B 254 -17.37 14.59 5.27
CA LYS B 254 -16.59 13.69 6.11
C LYS B 254 -17.11 13.63 7.53
N GLY B 255 -17.51 14.78 8.08
CA GLY B 255 -17.98 14.80 9.46
C GLY B 255 -19.28 14.08 9.69
N MET B 256 -20.17 14.06 8.69
CA MET B 256 -21.49 13.49 8.91
C MET B 256 -21.69 12.12 8.28
N LEU B 257 -20.99 11.80 7.19
CA LEU B 257 -21.06 10.48 6.58
C LEU B 257 -19.96 9.54 7.04
N GLY B 258 -18.73 10.03 7.28
CA GLY B 258 -17.69 9.19 7.83
C GLY B 258 -17.35 7.98 6.98
N GLU B 259 -17.35 6.81 7.65
CA GLU B 259 -16.87 5.58 7.05
C GLU B 259 -17.68 5.10 5.84
N ILE B 260 -18.92 5.57 5.66
CA ILE B 260 -19.68 5.14 4.48
C ILE B 260 -19.35 5.91 3.22
N LEU B 261 -18.60 7.02 3.32
CA LEU B 261 -18.21 7.75 2.12
C LEU B 261 -17.35 6.87 1.22
N SER B 262 -17.76 6.75 -0.05
CA SER B 262 -16.99 6.00 -1.02
C SER B 262 -16.52 6.82 -2.21
N ALA B 263 -17.07 8.02 -2.42
CA ALA B 263 -16.50 8.88 -3.46
C ALA B 263 -16.87 10.33 -3.18
N PHE B 264 -15.94 11.23 -3.53
CA PHE B 264 -16.18 12.67 -3.55
C PHE B 264 -15.50 13.27 -4.76
N GLU B 265 -16.28 13.74 -5.73
CA GLU B 265 -15.76 14.27 -6.98
C GLU B 265 -16.33 15.67 -7.17
N PHE B 266 -15.54 16.59 -7.71
CA PHE B 266 -16.07 17.89 -8.11
C PHE B 266 -15.85 18.16 -9.59
N MET B 267 -16.64 19.09 -10.11
CA MET B 267 -16.50 19.58 -11.48
C MET B 267 -17.03 21.00 -11.53
N ASP B 268 -16.56 21.78 -12.50
CA ASP B 268 -17.02 23.16 -12.59
C ASP B 268 -18.14 23.30 -13.63
N ALA B 269 -18.69 24.52 -13.70
CA ALA B 269 -19.78 24.81 -14.62
C ALA B 269 -19.41 24.50 -16.07
N VAL B 270 -18.19 24.82 -16.48
CA VAL B 270 -17.76 24.59 -17.85
C VAL B 270 -17.76 23.09 -18.17
N CYS B 271 -17.29 22.25 -17.24
CA CYS B 271 -17.41 20.81 -17.40
C CYS B 271 -18.84 20.40 -17.70
N MET B 272 -19.79 20.89 -16.91
CA MET B 272 -21.19 20.55 -17.11
C MET B 272 -21.67 21.00 -18.48
N GLN B 273 -21.27 22.20 -18.90
CA GLN B 273 -21.67 22.69 -20.20
C GLN B 273 -21.12 21.82 -21.32
N LEU B 274 -19.86 21.40 -21.20
CA LEU B 274 -19.26 20.59 -22.26
C LEU B 274 -19.87 19.20 -22.33
N VAL B 275 -20.09 18.55 -21.19
CA VAL B 275 -20.77 17.25 -21.21
C VAL B 275 -22.17 17.37 -21.78
N GLY B 276 -22.90 18.44 -21.45
CA GLY B 276 -24.20 18.67 -22.07
C GLY B 276 -24.13 18.93 -23.57
N ARG B 277 -23.15 19.73 -24.00
CA ARG B 277 -23.10 20.14 -25.40
C ARG B 277 -22.63 19.02 -26.31
N HIS B 278 -21.67 18.21 -25.87
CA HIS B 278 -21.11 17.18 -26.72
C HIS B 278 -21.74 15.80 -26.51
N LEU B 279 -22.15 15.49 -25.28
CA LEU B 279 -22.74 14.21 -24.93
C LEU B 279 -24.23 14.28 -24.63
N HIS B 280 -24.85 15.47 -24.72
CA HIS B 280 -26.30 15.61 -24.58
C HIS B 280 -26.80 15.14 -23.22
N LEU B 281 -26.01 15.39 -22.17
CA LEU B 281 -26.38 15.02 -20.81
C LEU B 281 -26.93 16.24 -20.08
N ALA B 282 -28.23 16.22 -19.79
CA ALA B 282 -28.88 17.33 -19.12
C ALA B 282 -28.46 17.39 -17.64
N SER B 283 -28.34 18.61 -17.11
CA SER B 283 -27.97 18.74 -15.71
C SER B 283 -29.18 18.48 -14.81
N PRO B 284 -29.07 17.64 -13.79
CA PRO B 284 -30.20 17.37 -12.90
C PRO B 284 -30.38 18.33 -11.74
N VAL B 285 -29.52 19.35 -11.62
CA VAL B 285 -29.62 20.36 -10.58
C VAL B 285 -29.59 21.73 -11.22
N GLN B 286 -29.95 22.74 -10.43
CA GLN B 286 -29.91 24.12 -10.92
C GLN B 286 -28.49 24.48 -11.34
N GLU B 287 -28.39 25.40 -12.30
CA GLU B 287 -27.09 25.84 -12.78
C GLU B 287 -26.30 26.47 -11.65
N SER B 288 -25.05 26.03 -11.51
CA SER B 288 -24.18 26.44 -10.42
C SER B 288 -22.76 26.55 -10.93
N PRO B 289 -21.90 27.32 -10.26
CA PRO B 289 -20.50 27.40 -10.70
C PRO B 289 -19.71 26.16 -10.32
N PHE B 290 -20.18 25.36 -9.37
CA PHE B 290 -19.48 24.12 -9.05
C PHE B 290 -20.52 23.03 -8.81
N TYR B 291 -20.13 21.79 -9.09
CA TYR B 291 -20.95 20.63 -8.80
C TYR B 291 -20.10 19.61 -8.06
N VAL B 292 -20.77 18.79 -7.26
CA VAL B 292 -20.15 17.79 -6.41
C VAL B 292 -20.95 16.50 -6.54
N LEU B 293 -20.27 15.40 -6.79
CA LEU B 293 -20.85 14.08 -6.76
C LEU B 293 -20.32 13.34 -5.54
N ILE B 294 -21.22 12.84 -4.71
CA ILE B 294 -20.87 12.10 -3.51
C ILE B 294 -21.46 10.72 -3.66
N GLU B 295 -20.66 9.69 -3.41
CA GLU B 295 -21.16 8.34 -3.33
C GLU B 295 -20.93 7.82 -1.92
N THR B 296 -21.90 7.08 -1.41
CA THR B 296 -21.74 6.30 -0.18
C THR B 296 -22.01 4.82 -0.43
N SER B 297 -21.33 4.01 0.36
CA SER B 297 -21.38 2.55 0.27
C SER B 297 -21.44 2.00 1.69
N GLY B 298 -22.47 1.23 2.00
CA GLY B 298 -22.56 0.69 3.34
C GLY B 298 -23.40 -0.55 3.45
N SER B 299 -23.39 -1.11 4.67
CA SER B 299 -24.04 -2.38 4.95
C SER B 299 -25.52 -2.23 5.28
N ASN B 300 -25.95 -1.08 5.80
CA ASN B 300 -27.32 -0.89 6.27
C ASN B 300 -27.93 0.28 5.52
N ALA B 301 -28.88 -0.02 4.63
CA ALA B 301 -29.56 1.01 3.83
C ALA B 301 -30.19 2.09 4.70
N GLY B 302 -30.99 1.68 5.69
CA GLY B 302 -31.60 2.64 6.61
C GLY B 302 -30.63 3.60 7.25
N HIS B 303 -29.51 3.08 7.77
CA HIS B 303 -28.54 3.94 8.43
C HIS B 303 -27.88 4.89 7.43
N ASP B 304 -27.52 4.40 6.25
CA ASP B 304 -26.92 5.26 5.24
C ASP B 304 -27.88 6.36 4.81
N ALA B 305 -29.16 6.01 4.68
CA ALA B 305 -30.18 6.99 4.34
C ALA B 305 -30.31 8.06 5.42
N GLU B 306 -30.30 7.65 6.69
CA GLU B 306 -30.33 8.64 7.78
C GLU B 306 -29.12 9.55 7.73
N LYS B 307 -27.93 8.97 7.58
CA LYS B 307 -26.70 9.76 7.47
C LYS B 307 -26.79 10.77 6.34
N LEU B 308 -27.19 10.33 5.14
CA LEU B 308 -27.30 11.24 4.01
C LEU B 308 -28.37 12.30 4.20
N GLY B 309 -29.54 11.91 4.71
CA GLY B 309 -30.59 12.87 4.99
C GLY B 309 -30.14 13.98 5.92
N HIS B 310 -29.48 13.61 7.02
CA HIS B 310 -28.99 14.62 7.95
C HIS B 310 -27.90 15.48 7.30
N PHE B 311 -27.01 14.86 6.52
CA PHE B 311 -25.98 15.61 5.80
C PHE B 311 -26.60 16.65 4.89
N LEU B 312 -27.63 16.26 4.13
CA LEU B 312 -28.28 17.16 3.19
C LEU B 312 -28.99 18.28 3.93
N GLU B 313 -29.77 17.93 4.95
CA GLU B 313 -30.37 18.92 5.84
C GLU B 313 -29.36 19.99 6.24
N HIS B 314 -28.21 19.57 6.79
CA HIS B 314 -27.21 20.55 7.24
C HIS B 314 -26.57 21.32 6.10
N ALA B 315 -26.24 20.66 4.98
CA ALA B 315 -25.65 21.34 3.84
C ALA B 315 -26.57 22.41 3.27
N LEU B 316 -27.84 22.07 3.02
CA LEU B 316 -28.81 23.06 2.54
C LEU B 316 -29.07 24.14 3.57
N GLY B 317 -29.11 23.78 4.85
CA GLY B 317 -29.38 24.75 5.90
C GLY B 317 -28.36 25.86 5.97
N SER B 318 -27.08 25.50 5.98
CA SER B 318 -26.02 26.50 6.09
C SER B 318 -25.58 27.08 4.75
N GLY B 319 -26.33 26.82 3.69
CA GLY B 319 -26.03 27.45 2.41
C GLY B 319 -24.82 26.90 1.70
N LEU B 320 -24.30 25.75 2.12
CA LEU B 320 -23.17 25.15 1.40
C LEU B 320 -23.62 24.61 0.05
N VAL B 321 -24.85 24.12 -0.02
CA VAL B 321 -25.41 23.54 -1.23
C VAL B 321 -26.66 24.33 -1.60
N THR B 322 -26.77 24.72 -2.87
CA THR B 322 -27.94 25.46 -3.33
C THR B 322 -29.03 24.56 -3.89
N ASP B 323 -28.64 23.49 -4.57
CA ASP B 323 -29.60 22.50 -5.06
C ASP B 323 -28.94 21.12 -5.06
N GLY B 324 -29.74 20.08 -4.87
CA GLY B 324 -29.20 18.74 -4.78
C GLY B 324 -30.23 17.71 -5.16
N THR B 325 -29.74 16.55 -5.61
CA THR B 325 -30.57 15.42 -5.94
C THR B 325 -29.91 14.13 -5.46
N MET B 326 -30.72 13.13 -5.15
CA MET B 326 -30.24 11.86 -4.62
C MET B 326 -30.83 10.71 -5.41
N ALA B 327 -30.06 9.63 -5.52
CA ALA B 327 -30.54 8.45 -6.22
C ALA B 327 -29.99 7.18 -5.56
N THR B 328 -30.84 6.14 -5.56
CA THR B 328 -30.44 4.77 -5.29
C THR B 328 -30.69 3.83 -6.45
N ASP B 329 -31.63 4.14 -7.34
CA ASP B 329 -31.88 3.31 -8.51
C ASP B 329 -30.63 3.23 -9.38
N GLN B 330 -30.20 2.00 -9.68
CA GLN B 330 -28.97 1.77 -10.43
C GLN B 330 -28.89 2.62 -11.70
N ARG B 331 -30.00 2.68 -12.46
CA ARG B 331 -30.04 3.50 -13.67
C ARG B 331 -29.76 4.97 -13.36
N LYS B 332 -30.42 5.52 -12.36
CA LYS B 332 -30.23 6.95 -12.05
C LYS B 332 -28.85 7.19 -11.46
N VAL B 333 -28.35 6.27 -10.64
CA VAL B 333 -26.99 6.35 -10.13
C VAL B 333 -25.99 6.43 -11.28
N LYS B 334 -26.14 5.54 -12.26
CA LYS B 334 -25.25 5.55 -13.42
C LYS B 334 -25.38 6.84 -14.23
N MET B 335 -26.61 7.34 -14.41
CA MET B 335 -26.78 8.63 -15.08
C MET B 335 -26.01 9.74 -14.38
N LEU B 336 -26.13 9.81 -13.05
CA LEU B 336 -25.41 10.84 -12.30
C LEU B 336 -23.90 10.67 -12.42
N TRP B 337 -23.40 9.45 -12.26
CA TRP B 337 -21.98 9.17 -12.43
C TRP B 337 -21.47 9.55 -13.81
N ALA B 338 -22.29 9.37 -14.85
CA ALA B 338 -21.87 9.73 -16.21
C ALA B 338 -21.44 11.18 -16.34
N LEU B 339 -22.09 12.09 -15.60
CA LEU B 339 -21.77 13.52 -15.72
C LEU B 339 -20.32 13.81 -15.34
N ARG B 340 -19.77 13.06 -14.38
CA ARG B 340 -18.37 13.17 -13.98
C ARG B 340 -17.45 12.29 -14.81
N GLU B 341 -17.84 11.03 -15.05
CA GLU B 341 -16.95 10.08 -15.73
C GLU B 341 -16.60 10.52 -17.16
N ARG B 342 -17.55 11.15 -17.86
CA ARG B 342 -17.39 11.46 -19.28
C ARG B 342 -16.84 12.86 -19.56
N ILE B 343 -16.36 13.59 -18.55
CA ILE B 343 -15.80 14.91 -18.81
C ILE B 343 -14.62 14.82 -19.78
N THR B 344 -13.74 13.85 -19.58
CA THR B 344 -12.53 13.74 -20.41
C THR B 344 -12.88 13.51 -21.88
N GLU B 345 -13.90 12.70 -22.15
CA GLU B 345 -14.35 12.50 -23.52
C GLU B 345 -14.88 13.81 -24.12
N ALA B 346 -15.72 14.53 -23.38
CA ALA B 346 -16.24 15.78 -23.91
C ALA B 346 -15.12 16.76 -24.19
N LEU B 347 -14.10 16.77 -23.34
CA LEU B 347 -12.92 17.61 -23.57
C LEU B 347 -12.24 17.24 -24.87
N SER B 348 -12.01 15.95 -25.09
CA SER B 348 -11.31 15.55 -26.30
C SER B 348 -12.17 15.75 -27.54
N ARG B 349 -13.49 15.78 -27.39
CA ARG B 349 -14.38 16.19 -28.48
C ARG B 349 -14.39 17.70 -28.70
N ASP B 350 -13.99 18.50 -27.71
CA ASP B 350 -14.04 19.94 -27.86
C ASP B 350 -12.89 20.53 -28.68
N GLY B 351 -11.76 19.84 -28.76
CA GLY B 351 -10.65 20.34 -29.55
C GLY B 351 -9.35 19.70 -29.10
N TYR B 352 -8.25 20.41 -29.36
CA TYR B 352 -6.97 19.98 -28.82
C TYR B 352 -6.96 20.24 -27.32
N VAL B 353 -6.47 19.26 -26.57
CA VAL B 353 -6.50 19.24 -25.10
C VAL B 353 -5.09 19.32 -24.54
N TYR B 354 -4.86 20.31 -23.69
CA TYR B 354 -3.69 20.39 -22.82
C TYR B 354 -4.11 19.84 -21.46
N LYS B 355 -3.44 18.79 -21.00
CA LYS B 355 -3.90 18.01 -19.85
C LYS B 355 -2.85 18.05 -18.75
N TYR B 356 -3.28 18.34 -17.52
CA TYR B 356 -2.40 18.37 -16.36
C TYR B 356 -3.08 17.65 -15.20
N ASP B 357 -2.31 16.83 -14.48
CA ASP B 357 -2.83 15.96 -13.43
C ASP B 357 -2.01 16.20 -12.17
N LEU B 358 -2.55 17.01 -11.26
CA LEU B 358 -1.76 17.61 -10.19
C LEU B 358 -2.30 17.23 -8.82
N SER B 359 -1.39 16.98 -7.87
CA SER B 359 -1.73 16.91 -6.46
C SER B 359 -1.42 18.26 -5.82
N LEU B 360 -2.41 18.85 -5.17
CA LEU B 360 -2.26 20.14 -4.55
C LEU B 360 -2.94 20.16 -3.19
N PRO B 361 -2.60 21.13 -2.32
CA PRO B 361 -3.40 21.35 -1.11
C PRO B 361 -4.87 21.56 -1.47
N VAL B 362 -5.77 20.77 -0.88
CA VAL B 362 -7.17 20.79 -1.30
C VAL B 362 -7.76 22.19 -1.20
N GLU B 363 -7.38 22.95 -0.16
CA GLU B 363 -7.83 24.34 0.00
C GLU B 363 -7.44 25.23 -1.17
N ARG B 364 -6.43 24.87 -1.96
CA ARG B 364 -5.98 25.70 -3.06
C ARG B 364 -6.08 24.97 -4.40
N LEU B 365 -6.95 23.95 -4.47
CA LEU B 365 -7.00 23.06 -5.62
C LEU B 365 -7.41 23.79 -6.90
N TYR B 366 -8.32 24.76 -6.80
CA TYR B 366 -8.88 25.42 -7.97
C TYR B 366 -8.18 26.71 -8.37
N ASP B 367 -7.28 27.23 -7.54
CA ASP B 367 -6.61 28.50 -7.83
C ASP B 367 -6.04 28.54 -9.24
N ILE B 368 -5.30 27.49 -9.61
CA ILE B 368 -4.67 27.47 -10.93
C ILE B 368 -5.68 27.64 -12.06
N VAL B 369 -6.91 27.15 -11.90
CA VAL B 369 -7.88 27.27 -13.00
C VAL B 369 -8.30 28.71 -13.22
N THR B 370 -8.70 29.42 -12.16
CA THR B 370 -9.00 30.84 -12.27
C THR B 370 -7.79 31.60 -12.83
N ASP B 371 -6.61 31.33 -12.27
CA ASP B 371 -5.40 31.98 -12.74
C ASP B 371 -5.22 31.77 -14.24
N LEU B 372 -5.31 30.53 -14.73
CA LEU B 372 -5.05 30.28 -16.13
C LEU B 372 -6.13 30.90 -17.01
N ARG B 373 -7.38 30.91 -16.55
CA ARG B 373 -8.42 31.65 -17.25
C ARG B 373 -8.04 33.11 -17.42
N ALA B 374 -7.34 33.68 -16.44
CA ALA B 374 -6.90 35.07 -16.59
C ALA B 374 -5.65 35.17 -17.45
N ARG B 375 -4.67 34.30 -17.22
CA ARG B 375 -3.40 34.34 -17.94
C ARG B 375 -3.63 34.11 -19.43
N LEU B 376 -4.38 33.08 -19.75
CA LEU B 376 -4.79 32.85 -21.13
C LEU B 376 -5.96 33.76 -21.44
N GLY B 377 -6.22 33.96 -22.71
CA GLY B 377 -7.31 34.82 -23.11
C GLY B 377 -8.31 34.09 -23.97
N PRO B 378 -8.62 34.67 -25.13
CA PRO B 378 -9.40 33.96 -26.14
C PRO B 378 -8.57 32.92 -26.86
N HIS B 379 -7.27 32.84 -26.52
CA HIS B 379 -6.41 31.80 -27.06
C HIS B 379 -6.81 30.41 -26.54
N ALA B 380 -7.23 30.32 -25.28
CA ALA B 380 -7.87 29.11 -24.78
C ALA B 380 -9.33 29.08 -25.20
N LYS B 381 -9.75 28.02 -25.89
CA LYS B 381 -11.16 27.85 -26.14
C LYS B 381 -11.92 27.62 -24.84
N HIS B 382 -11.43 26.71 -23.99
CA HIS B 382 -11.94 26.59 -22.62
C HIS B 382 -10.85 26.19 -21.65
N VAL B 383 -11.06 26.53 -20.38
CA VAL B 383 -10.26 26.03 -19.27
C VAL B 383 -11.20 25.39 -18.26
N VAL B 384 -10.88 24.18 -17.80
CA VAL B 384 -11.69 23.49 -16.81
C VAL B 384 -10.80 22.94 -15.71
N GLY B 385 -11.42 22.75 -14.54
CA GLY B 385 -10.85 22.06 -13.40
C GLY B 385 -11.87 21.08 -12.87
N TYR B 386 -11.45 19.84 -12.59
CA TYR B 386 -12.35 18.86 -11.99
C TYR B 386 -11.52 17.78 -11.30
N GLY B 387 -12.20 16.88 -10.60
CA GLY B 387 -11.56 15.64 -10.23
C GLY B 387 -11.65 15.22 -8.78
N HIS B 388 -10.61 14.53 -8.30
CA HIS B 388 -10.68 13.76 -7.05
C HIS B 388 -10.32 14.68 -5.89
N LEU B 389 -11.28 15.54 -5.53
CA LEU B 389 -11.02 16.54 -4.50
C LEU B 389 -10.72 15.92 -3.15
N GLY B 390 -11.41 14.83 -2.79
CA GLY B 390 -11.11 14.15 -1.55
C GLY B 390 -9.67 13.69 -1.42
N ASP B 391 -9.01 13.42 -2.54
CA ASP B 391 -7.62 12.99 -2.55
C ASP B 391 -6.66 14.10 -2.91
N GLY B 392 -7.13 15.34 -3.02
CA GLY B 392 -6.27 16.43 -3.41
C GLY B 392 -5.82 16.44 -4.86
N ASN B 393 -6.60 15.84 -5.75
CA ASN B 393 -6.14 15.58 -7.12
C ASN B 393 -7.00 16.41 -8.07
N LEU B 394 -6.35 17.35 -8.76
CA LEU B 394 -6.99 18.17 -9.78
C LEU B 394 -6.62 17.67 -11.17
N HIS B 395 -7.64 17.54 -12.01
CA HIS B 395 -7.49 17.38 -13.45
C HIS B 395 -7.76 18.75 -14.08
N LEU B 396 -6.68 19.37 -14.56
CA LEU B 396 -6.71 20.67 -15.21
C LEU B 396 -6.69 20.43 -16.71
N ASN B 397 -7.64 21.01 -17.43
CA ASN B 397 -7.62 20.85 -18.88
C ASN B 397 -7.87 22.17 -19.57
N VAL B 398 -7.17 22.38 -20.68
CA VAL B 398 -7.38 23.53 -21.55
C VAL B 398 -7.69 23.02 -22.95
N THR B 399 -8.77 23.51 -23.54
CA THR B 399 -9.11 23.13 -24.90
C THR B 399 -8.89 24.33 -25.81
N ALA B 400 -8.56 24.02 -27.06
CA ALA B 400 -8.38 25.04 -28.09
C ALA B 400 -8.68 24.46 -29.45
N GLU B 401 -8.90 25.36 -30.42
CA GLU B 401 -9.20 24.93 -31.78
C GLU B 401 -8.06 24.10 -32.36
N ALA B 402 -6.82 24.45 -32.04
CA ALA B 402 -5.67 23.70 -32.48
C ALA B 402 -4.53 23.91 -31.50
N PHE B 403 -3.59 22.96 -31.50
CA PHE B 403 -2.35 23.14 -30.77
C PHE B 403 -1.67 24.43 -31.23
N SER B 404 -1.08 25.15 -30.28
CA SER B 404 -0.24 26.29 -30.65
C SER B 404 0.97 26.37 -29.74
N PRO B 405 2.14 26.69 -30.30
CA PRO B 405 3.32 26.88 -29.46
C PRO B 405 3.16 27.98 -28.43
N SER B 406 2.47 29.06 -28.79
CA SER B 406 2.25 30.16 -27.85
C SER B 406 1.50 29.72 -26.61
N LEU B 407 0.43 28.94 -26.79
CA LEU B 407 -0.31 28.47 -25.62
C LEU B 407 0.52 27.50 -24.78
N LEU B 408 1.21 26.56 -25.42
CA LEU B 408 2.10 25.69 -24.66
C LEU B 408 3.12 26.49 -23.86
N ALA B 409 3.68 27.54 -24.47
CA ALA B 409 4.66 28.37 -23.76
C ALA B 409 4.04 29.15 -22.62
N ALA B 410 2.77 29.57 -22.75
CA ALA B 410 2.09 30.20 -21.62
C ALA B 410 1.80 29.20 -20.50
N LEU B 411 1.47 27.96 -20.86
CA LEU B 411 1.12 26.96 -19.86
C LEU B 411 2.34 26.39 -19.15
N GLU B 412 3.43 26.20 -19.87
CA GLU B 412 4.60 25.51 -19.35
C GLU B 412 5.82 26.40 -19.51
N PRO B 413 6.68 26.47 -18.47
CA PRO B 413 6.65 25.71 -17.22
C PRO B 413 5.77 26.28 -16.12
N HIS B 414 4.97 27.31 -16.44
CA HIS B 414 4.22 28.04 -15.42
C HIS B 414 3.42 27.12 -14.51
N VAL B 415 2.68 26.17 -15.09
CA VAL B 415 1.87 25.27 -14.29
C VAL B 415 2.74 24.40 -13.39
N TYR B 416 3.88 23.92 -13.91
CA TYR B 416 4.73 23.08 -13.08
C TYR B 416 5.43 23.87 -11.98
N GLU B 417 5.76 25.15 -12.23
CA GLU B 417 6.35 25.94 -11.16
C GLU B 417 5.33 26.31 -10.10
N TRP B 418 4.13 26.70 -10.50
CA TRP B 418 3.05 26.91 -9.53
C TRP B 418 2.91 25.68 -8.64
N THR B 419 2.86 24.49 -9.25
CA THR B 419 2.65 23.26 -8.50
C THR B 419 3.82 22.99 -7.56
N ALA B 420 5.06 23.18 -8.03
CA ALA B 420 6.21 23.04 -7.16
C ALA B 420 6.16 24.05 -6.02
N GLY B 421 5.76 25.29 -6.33
CA GLY B 421 5.53 26.29 -5.31
C GLY B 421 4.56 25.83 -4.25
N GLN B 422 3.65 24.93 -4.60
CA GLN B 422 2.72 24.38 -3.61
C GLN B 422 3.24 23.05 -3.06
N GLN B 423 4.49 22.70 -3.37
CA GLN B 423 5.06 21.38 -3.06
C GLN B 423 4.15 20.24 -3.51
N GLY B 424 3.56 20.38 -4.71
CA GLY B 424 2.64 19.41 -5.24
C GLY B 424 3.30 18.42 -6.18
N SER B 425 2.48 17.50 -6.68
CA SER B 425 2.90 16.52 -7.67
C SER B 425 2.44 16.96 -9.06
N VAL B 426 3.38 17.04 -9.99
CA VAL B 426 3.10 17.27 -11.41
C VAL B 426 2.52 16.05 -12.12
N SER B 427 2.45 14.90 -11.45
CA SER B 427 1.67 13.78 -11.99
C SER B 427 1.08 12.97 -10.85
N ALA B 428 -0.14 13.33 -10.44
CA ALA B 428 -0.74 12.69 -9.28
C ALA B 428 -1.00 11.21 -9.51
N GLU B 429 -1.62 10.86 -10.64
CA GLU B 429 -2.01 9.48 -10.89
C GLU B 429 -1.65 8.96 -12.28
N HIS B 430 -1.76 9.81 -13.31
CA HIS B 430 -1.53 9.34 -14.68
C HIS B 430 -0.11 8.86 -14.92
N GLY B 431 0.85 9.33 -14.14
CA GLY B 431 2.22 8.87 -14.26
C GLY B 431 3.06 9.75 -15.17
N VAL B 432 4.20 9.20 -15.58
CA VAL B 432 5.25 9.97 -16.23
C VAL B 432 5.27 9.71 -17.73
N GLY B 433 5.63 8.48 -18.10
CA GLY B 433 5.71 8.09 -19.49
C GLY B 433 6.67 8.94 -20.30
N PHE B 434 6.31 9.19 -21.56
CA PHE B 434 7.10 10.01 -22.46
C PHE B 434 6.92 11.50 -22.18
N ARG B 435 5.68 11.92 -21.95
CA ARG B 435 5.32 13.35 -21.92
C ARG B 435 5.97 14.08 -20.75
N LYS B 436 5.99 13.46 -19.57
CA LYS B 436 6.42 14.13 -18.34
C LYS B 436 7.81 13.70 -17.86
N ARG B 437 8.55 12.95 -18.68
CA ARG B 437 9.84 12.41 -18.25
C ARG B 437 10.82 13.50 -17.83
N ASP B 438 10.75 14.68 -18.43
CA ASP B 438 11.68 15.77 -18.12
C ASP B 438 11.11 16.83 -17.18
N VAL B 439 9.99 16.58 -16.53
CA VAL B 439 9.47 17.53 -15.54
C VAL B 439 9.40 16.92 -14.14
N LEU B 440 10.14 15.84 -13.88
CA LEU B 440 10.09 15.22 -12.56
C LEU B 440 10.78 16.06 -11.49
N GLY B 441 11.76 16.88 -11.88
CA GLY B 441 12.42 17.75 -10.92
C GLY B 441 11.51 18.66 -10.14
N TYR B 442 10.35 19.01 -10.71
CA TYR B 442 9.36 19.79 -9.97
C TYR B 442 8.75 19.04 -8.78
N SER B 443 8.85 17.71 -8.74
CA SER B 443 8.27 16.94 -7.65
C SER B 443 9.23 15.99 -6.96
N LYS B 444 10.40 15.71 -7.53
CA LYS B 444 11.31 14.73 -6.96
C LYS B 444 12.74 15.25 -6.94
N PRO B 445 13.47 15.03 -5.84
CA PRO B 445 14.83 15.53 -5.73
C PRO B 445 15.80 14.70 -6.56
N PRO B 446 16.97 15.25 -6.87
CA PRO B 446 17.92 14.53 -7.73
C PRO B 446 18.33 13.15 -7.23
N GLY B 447 18.60 12.99 -5.94
CA GLY B 447 19.05 11.69 -5.43
C GLY B 447 18.04 10.58 -5.63
N ALA B 448 16.75 10.90 -5.46
CA ALA B 448 15.72 9.90 -5.76
C ALA B 448 15.74 9.51 -7.23
N LEU B 449 15.82 10.50 -8.13
CA LEU B 449 15.87 10.20 -9.54
C LEU B 449 17.09 9.34 -9.88
N GLN B 450 18.21 9.57 -9.18
CA GLN B 450 19.39 8.77 -9.43
C GLN B 450 19.17 7.33 -8.97
N LEU B 451 18.60 7.15 -7.79
CA LEU B 451 18.33 5.79 -7.32
C LEU B 451 17.38 5.07 -8.28
N MET B 452 16.41 5.80 -8.84
CA MET B 452 15.52 5.22 -9.85
C MET B 452 16.31 4.78 -11.09
N GLN B 453 17.28 5.60 -11.51
CA GLN B 453 18.11 5.24 -12.66
C GLN B 453 18.94 3.99 -12.36
N GLN B 454 19.46 3.88 -11.14
CA GLN B 454 20.21 2.70 -10.74
C GLN B 454 19.33 1.46 -10.71
N LEU B 455 18.09 1.60 -10.25
CA LEU B 455 17.15 0.47 -10.31
C LEU B 455 16.92 0.02 -11.75
N LYS B 456 16.72 0.98 -12.65
CA LYS B 456 16.55 0.65 -14.06
C LYS B 456 17.76 -0.08 -14.61
N ALA B 457 18.96 0.41 -14.31
CA ALA B 457 20.18 -0.23 -14.77
C ALA B 457 20.33 -1.64 -14.22
N LEU B 458 19.99 -1.84 -12.95
CA LEU B 458 20.04 -3.19 -12.37
C LEU B 458 19.06 -4.14 -13.07
N LEU B 459 17.82 -3.69 -13.27
CA LEU B 459 16.78 -4.60 -13.75
C LEU B 459 16.72 -4.71 -15.26
N ASP B 460 17.11 -3.66 -15.98
CA ASP B 460 17.10 -3.65 -17.45
C ASP B 460 18.36 -2.94 -17.94
N PRO B 461 19.52 -3.57 -17.77
CA PRO B 461 20.77 -2.92 -18.19
C PRO B 461 20.84 -2.60 -19.68
N LYS B 462 20.19 -3.39 -20.53
CA LYS B 462 20.13 -3.06 -21.95
C LYS B 462 19.09 -2.00 -22.28
N GLY B 463 18.19 -1.69 -21.36
CA GLY B 463 17.17 -0.66 -21.61
C GLY B 463 16.19 -1.01 -22.72
N ILE B 464 15.93 -2.29 -22.94
CA ILE B 464 14.98 -2.68 -23.97
C ILE B 464 13.51 -2.49 -23.57
N LEU B 465 13.21 -2.33 -22.29
CA LEU B 465 11.83 -2.19 -21.84
C LEU B 465 11.44 -0.72 -21.80
N ASN B 466 10.51 -0.33 -22.67
CA ASN B 466 9.97 1.03 -22.72
C ASN B 466 11.07 2.10 -22.66
N PRO B 467 11.96 2.13 -23.65
CA PRO B 467 12.94 3.23 -23.72
C PRO B 467 12.26 4.58 -23.86
N TYR B 468 13.04 5.62 -23.57
CA TYR B 468 12.70 7.04 -23.65
C TYR B 468 11.68 7.41 -22.58
N LYS B 469 11.41 6.50 -21.64
CA LYS B 469 10.50 6.65 -20.52
C LYS B 469 11.18 5.99 -19.32
N THR B 470 10.59 6.04 -18.13
CA THR B 470 9.74 7.11 -17.63
C THR B 470 10.60 7.83 -16.60
N LEU B 471 11.91 7.72 -16.79
CA LEU B 471 12.94 8.38 -16.02
C LEU B 471 13.52 9.56 -16.79
N PRO B 472 14.19 10.49 -16.11
CA PRO B 472 14.78 11.63 -16.84
C PRO B 472 15.83 11.17 -17.84
N SER B 473 16.05 12.00 -18.85
CA SER B 473 17.01 11.71 -19.91
C SER B 473 18.43 11.62 -19.37
PA FAD C . 13.14 -3.01 16.84
O1A FAD C . 14.07 -2.12 17.57
O2A FAD C . 12.73 -4.28 17.58
O5B FAD C . 13.70 -3.38 15.43
C5B FAD C . 13.05 -4.37 14.60
C4B FAD C . 13.81 -4.52 13.31
O4B FAD C . 13.70 -3.31 12.54
C3B FAD C . 15.30 -4.81 13.44
O3B FAD C . 15.75 -5.64 12.36
C2B FAD C . 15.92 -3.42 13.37
O2B FAD C . 17.25 -3.43 12.85
C1B FAD C . 14.98 -2.69 12.40
N9A FAD C . 14.82 -1.26 12.68
C8A FAD C . 14.38 -0.68 13.84
N7A FAD C . 14.34 0.63 13.79
C5A FAD C . 14.78 0.93 12.50
C6A FAD C . 14.97 2.14 11.82
N6A FAD C . 14.72 3.34 12.36
N1A FAD C . 15.41 2.08 10.55
C2A FAD C . 15.66 0.89 10.01
N3A FAD C . 15.53 -0.32 10.55
C4A FAD C . 15.08 -0.23 11.81
N1 FAD C . 4.31 -7.01 15.42
C2 FAD C . 3.27 -6.96 14.53
O2 FAD C . 3.45 -6.89 13.33
N3 FAD C . 1.97 -6.99 15.01
C4 FAD C . 1.58 -7.07 16.33
O4 FAD C . 0.40 -7.09 16.63
C4X FAD C . 2.69 -7.10 17.26
N5 FAD C . 2.42 -7.16 18.53
C5X FAD C . 3.46 -7.21 19.43
C6 FAD C . 3.17 -7.27 20.79
C7 FAD C . 4.19 -7.32 21.74
C7M FAD C . 3.83 -7.39 23.20
C8 FAD C . 5.53 -7.29 21.32
C8M FAD C . 6.65 -7.33 22.32
C9 FAD C . 5.83 -7.21 19.96
C9A FAD C . 4.81 -7.17 19.01
N10 FAD C . 5.08 -7.10 17.63
C10 FAD C . 4.02 -7.07 16.72
C1' FAD C . 6.49 -7.08 17.14
C2' FAD C . 6.80 -5.94 16.17
O2' FAD C . 7.70 -6.39 15.15
C3' FAD C . 7.42 -4.76 16.91
O3' FAD C . 6.82 -4.64 18.20
C4' FAD C . 7.20 -3.48 16.12
O4' FAD C . 7.13 -3.81 14.73
C5' FAD C . 8.20 -2.37 16.32
O5' FAD C . 9.46 -2.92 16.75
P FAD C . 10.58 -2.01 17.38
O1P FAD C . 10.17 -0.54 17.26
O2P FAD C . 10.89 -2.45 18.76
O3P FAD C . 11.83 -2.23 16.45
ZN ZN D . 0.15 -9.89 15.86
C1 2HG E . 0.35 -10.32 18.91
O1 2HG E . -0.52 -9.94 18.01
C2 2HG E . 1.79 -10.24 18.42
O2 2HG E . 0.03 -10.70 20.03
C3 2HG E . 2.66 -11.35 18.98
O3 2HG E . 1.89 -10.16 17.00
C4 2HG E . 2.29 -12.79 18.62
O4 2HG E . 4.11 -13.45 20.04
C5 2HG E . 3.25 -13.76 19.24
O5 2HG E . 3.04 -14.97 18.84
C1 GOL F . -1.11 -23.88 33.54
O1 GOL F . 0.28 -23.85 33.49
C2 GOL F . -1.53 -25.36 33.42
O2 GOL F . -0.64 -26.09 32.65
C3 GOL F . -2.94 -25.31 32.77
O3 GOL F . -2.78 -25.73 31.46
C1 GOL G . 35.86 11.00 9.80
O1 GOL G . 34.65 10.67 10.40
C2 GOL G . 35.95 10.41 8.40
O2 GOL G . 36.45 9.13 8.45
C3 GOL G . 34.55 10.50 7.87
O3 GOL G . 34.60 11.21 6.69
PA FAD H . -1.74 1.41 -21.23
O1A FAD H . -2.21 2.76 -21.64
O2A FAD H . -1.88 0.31 -22.28
O5B FAD H . -0.27 1.48 -20.71
C5B FAD H . 0.08 2.26 -19.54
C4B FAD H . 1.56 2.22 -19.27
O4B FAD H . 1.89 1.05 -18.51
C3B FAD H . 2.49 2.20 -20.48
O3B FAD H . 3.71 2.85 -20.20
C2B FAD H . 2.68 0.70 -20.72
O2B FAD H . 3.94 0.43 -21.33
C1B FAD H . 2.64 0.14 -19.30
N9A FAD H . 2.02 -1.17 -19.19
C8A FAD H . 0.80 -1.55 -19.67
N7A FAD H . 0.49 -2.80 -19.43
C5A FAD H . 1.60 -3.28 -18.74
C6A FAD H . 1.89 -4.54 -18.20
N6A FAD H . 1.07 -5.60 -18.26
N1A FAD H . 3.08 -4.69 -17.56
C2A FAD H . 3.90 -3.64 -17.49
N3A FAD H . 3.72 -2.40 -17.97
C4A FAD H . 2.55 -2.29 -18.59
N1 FAD H . -5.98 7.07 -14.53
C2 FAD H . -6.11 7.17 -13.18
O2 FAD H . -5.15 6.99 -12.42
N3 FAD H . -7.34 7.49 -12.63
C4 FAD H . -8.50 7.72 -13.33
O4 FAD H . -9.55 8.00 -12.73
C4X FAD H . -8.36 7.61 -14.78
N5 FAD H . -9.41 7.81 -15.51
C5X FAD H . -9.28 7.70 -16.88
C6 FAD H . -10.40 7.92 -17.68
C7 FAD H . -10.33 7.83 -19.06
C7M FAD H . -11.56 8.07 -19.89
C8 FAD H . -9.10 7.51 -19.67
C8M FAD H . -8.99 7.39 -21.17
C9 FAD H . -7.98 7.28 -18.88
C9A FAD H . -8.05 7.38 -17.49
N10 FAD H . -6.94 7.15 -16.66
C10 FAD H . -7.05 7.27 -15.28
C1' FAD H . -5.62 6.83 -17.24
C2' FAD H . -5.03 5.52 -16.75
O2' FAD H . -3.60 5.58 -16.72
C3' FAD H . -5.46 4.38 -17.67
O3' FAD H . -6.87 4.45 -17.87
C4' FAD H . -5.10 3.00 -17.12
O4' FAD H . -4.72 3.12 -15.75
C5' FAD H . -3.99 2.35 -17.90
O5' FAD H . -4.45 1.08 -18.41
P FAD H . -4.07 0.58 -19.85
O1P FAD H . -4.20 -0.95 -19.91
O2P FAD H . -4.82 1.36 -20.88
O3P FAD H . -2.52 0.94 -19.93
ZN ZN I . -8.55 10.90 -12.37
C1 2HG J . -10.43 11.25 -14.61
O1 2HG J . -10.32 11.02 -13.33
C2 2HG J . -9.16 10.92 -15.39
O2 2HG J . -11.44 11.68 -15.13
C3 2HG J . -8.95 11.87 -16.57
O3 2HG J . -8.00 10.83 -14.57
C4 2HG J . -8.57 13.32 -16.26
O4 2HG J . -7.30 15.03 -17.22
C5 2HG J . -8.07 14.02 -17.49
O5 2HG J . -8.34 13.68 -18.63
C1 GOL K . 21.81 -12.28 -19.41
O1 GOL K . 22.28 -11.01 -19.73
C2 GOL K . 21.66 -13.06 -20.73
O2 GOL K . 22.76 -13.86 -20.99
C3 GOL K . 20.37 -13.88 -20.57
O3 GOL K . 20.00 -14.29 -21.85
C1 GOL L . -17.75 4.48 -8.49
O1 GOL L . -17.18 3.53 -7.63
C2 GOL L . -18.02 3.78 -9.84
O2 GOL L . -18.89 2.70 -9.72
C3 GOL L . -18.57 4.87 -10.78
O3 GOL L . -18.76 4.28 -12.02
C1 GOL M . -18.39 0.52 -3.56
O1 GOL M . -17.73 1.13 -2.49
C2 GOL M . -18.73 1.61 -4.58
O2 GOL M . -17.63 2.39 -4.89
C3 GOL M . -19.27 0.85 -5.82
O3 GOL M . -19.47 1.81 -6.81
C1 GOL N . -2.48 30.88 -29.79
O1 GOL N . -1.79 31.24 -28.62
C2 GOL N . -2.58 32.08 -30.72
O2 GOL N . -1.57 32.12 -31.71
C3 GOL N . -4.01 32.01 -31.32
O3 GOL N . -4.85 31.69 -30.31
C1 GOL O . -19.87 25.96 -26.48
O1 GOL O . -20.21 25.57 -25.16
C2 GOL O . -18.41 26.44 -26.39
O2 GOL O . -17.61 25.48 -25.77
C3 GOL O . -17.94 26.73 -27.85
O3 GOL O . -16.65 27.22 -27.73
#